data_4EUA
#
_entry.id   4EUA
#
_cell.length_a   67.391
_cell.length_b   110.484
_cell.length_c   119.157
_cell.angle_alpha   90.000
_cell.angle_beta   90.000
_cell.angle_gamma   90.000
#
_symmetry.space_group_name_H-M   'P 21 21 21'
#
loop_
_entity.id
_entity.type
_entity.pdbx_description
1 polymer 'Succinyl-CoA:acetate coenzyme A transferase'
2 non-polymer 'CHLORIDE ION'
3 non-polymer 'COENZYME A'
4 water water
#
_entity_poly.entity_id   1
_entity_poly.type   'polypeptide(L)'
_entity_poly.pdbx_seq_one_letter_code
;MTERIRNVALRSKVCPAETASELIKHGDVVGTSGFTGAGYPKEVPKALAQRMEAAHDRGEKYQISLITGASTGPQLDGEL
AKANGVYFRSPFNTDATMRNRINAGETEYFDNHLGQVAGRAVQGNYGKFNIALVEATAITEDGGIVPTSSVGNSQTFLNL
AEKVIIEVNEWQNPMLEGIHDIWDGNVSGVPTRDIVPIVRADQRVGGPVLRVNPDKIAAIVRTNDRDENAPFAAPDETAK
AIAGYLLDFFGHEVKQNRLPPSLLPLQSGVGNVANAVLEGLKEGPFENLVGYSEVIQDGMLAMLDSGRMRIASASSFSLS
PEAAEEINNRMDFFRSKIILRQQDVSNSPGIIRRLGCIAMNGMIEADIYGNVNSTRVMGSKMMNGIGGSGDFARSSYLSI
FLSPSTAKGGKISAIVPMAAHVDHIMQDAQIFVTEQGLADLRGLSPVQRAREIISKCAHPDYRPMLQDYFDRALKNSFGK
HTPHLLTEALSWHQRFIDTGTMLPSSLEHHHHHH
;
_entity_poly.pdbx_strand_id   A,B
#
loop_
_chem_comp.id
_chem_comp.type
_chem_comp.name
_chem_comp.formula
CL non-polymer 'CHLORIDE ION' 'Cl -1'
COA non-polymer 'COENZYME A' 'C21 H36 N7 O16 P3 S'
#
# COMPACT_ATOMS: atom_id res chain seq x y z
N THR A 2 23.87 40.90 3.52
CA THR A 2 23.86 39.89 4.58
C THR A 2 24.45 38.55 4.11
N GLU A 3 25.66 38.27 4.58
CA GLU A 3 26.38 37.03 4.26
C GLU A 3 25.54 35.78 4.54
N ARG A 4 25.38 34.94 3.53
CA ARG A 4 24.61 33.71 3.68
C ARG A 4 25.42 32.57 4.31
N ILE A 5 26.73 32.60 4.14
CA ILE A 5 27.58 31.58 4.76
C ILE A 5 28.15 32.13 6.05
N ARG A 6 27.53 31.78 7.17
CA ARG A 6 27.85 32.36 8.48
C ARG A 6 28.92 31.56 9.21
N ASN A 7 29.14 30.32 8.80
CA ASN A 7 30.35 29.61 9.20
C ASN A 7 31.54 30.12 8.38
N VAL A 8 32.48 30.79 9.05
CA VAL A 8 33.61 31.41 8.37
C VAL A 8 34.49 30.39 7.67
N ALA A 9 34.87 29.32 8.35
CA ALA A 9 35.71 28.27 7.78
C ALA A 9 35.20 27.69 6.46
N LEU A 10 33.89 27.53 6.34
CA LEU A 10 33.32 26.92 5.15
C LEU A 10 33.44 27.82 3.90
N ARG A 11 33.62 29.12 4.11
CA ARG A 11 33.80 30.06 3.00
C ARG A 11 35.01 29.70 2.12
N SER A 12 35.96 28.97 2.71
CA SER A 12 37.15 28.54 1.97
C SER A 12 36.83 27.50 0.91
N LYS A 13 35.63 26.92 0.98
CA LYS A 13 35.25 25.87 0.04
C LYS A 13 34.43 26.41 -1.14
N VAL A 14 34.17 27.71 -1.12
CA VAL A 14 33.48 28.33 -2.24
C VAL A 14 34.30 28.25 -3.52
N CYS A 15 33.67 27.82 -4.60
CA CYS A 15 34.32 27.77 -5.89
C CYS A 15 33.27 27.95 -6.99
N PRO A 16 33.71 28.01 -8.25
CA PRO A 16 32.74 28.19 -9.34
C PRO A 16 31.96 26.90 -9.65
N ALA A 17 30.74 27.06 -10.19
CA ALA A 17 29.93 25.93 -10.60
C ALA A 17 30.68 24.91 -11.47
N GLU A 18 31.46 25.38 -12.44
CA GLU A 18 32.16 24.46 -13.34
C GLU A 18 33.09 23.56 -12.53
N THR A 19 33.91 24.19 -11.70
CA THR A 19 34.90 23.48 -10.90
C THR A 19 34.22 22.46 -9.99
N ALA A 20 33.13 22.87 -9.36
CA ALA A 20 32.38 21.96 -8.52
C ALA A 20 31.92 20.74 -9.33
N SER A 21 31.47 20.95 -10.57
CA SER A 21 30.95 19.87 -11.39
C SER A 21 32.00 18.80 -11.68
N GLU A 22 33.27 19.18 -11.63
CA GLU A 22 34.37 18.25 -11.89
C GLU A 22 34.51 17.17 -10.81
N LEU A 23 33.93 17.40 -9.64
CA LEU A 23 33.95 16.40 -8.57
C LEU A 23 33.01 15.23 -8.90
N ILE A 24 32.09 15.45 -9.83
CA ILE A 24 31.16 14.40 -10.25
C ILE A 24 31.77 13.59 -11.40
N LYS A 25 31.99 12.30 -11.15
CA LYS A 25 32.63 11.42 -12.12
C LYS A 25 31.61 10.57 -12.87
N HIS A 26 31.98 10.15 -14.07
CA HIS A 26 31.15 9.20 -14.79
C HIS A 26 30.85 8.00 -13.91
N GLY A 27 29.60 7.54 -13.92
CA GLY A 27 29.19 6.40 -13.12
C GLY A 27 28.76 6.74 -11.70
N ASP A 28 28.93 7.99 -11.28
CA ASP A 28 28.58 8.41 -9.91
C ASP A 28 27.09 8.32 -9.64
N VAL A 29 26.74 7.90 -8.43
CA VAL A 29 25.40 8.04 -7.92
C VAL A 29 25.31 9.40 -7.20
N VAL A 30 24.35 10.22 -7.62
CA VAL A 30 24.22 11.58 -7.12
C VAL A 30 22.84 11.81 -6.49
N GLY A 31 22.82 12.17 -5.21
CA GLY A 31 21.58 12.53 -4.52
C GLY A 31 21.44 14.04 -4.43
N THR A 32 20.30 14.58 -4.86
CA THR A 32 20.10 16.02 -4.86
C THR A 32 18.82 16.44 -4.12
N SER A 33 18.81 17.67 -3.64
CA SER A 33 17.58 18.30 -3.22
C SER A 33 16.69 18.50 -4.46
N GLY A 34 15.43 18.80 -4.23
CA GLY A 34 14.49 19.02 -5.31
C GLY A 34 13.22 18.20 -5.17
N PHE A 35 12.10 18.91 -5.14
CA PHE A 35 10.79 18.31 -4.96
C PHE A 35 9.78 19.23 -5.61
N THR A 36 8.92 18.68 -6.48
CA THR A 36 7.92 19.46 -7.23
C THR A 36 8.47 20.82 -7.70
N GLY A 37 9.61 20.78 -8.38
CA GLY A 37 10.16 21.97 -8.99
C GLY A 37 10.64 23.00 -7.99
N ALA A 38 10.95 22.56 -6.79
CA ALA A 38 11.39 23.48 -5.75
C ALA A 38 12.61 22.98 -5.00
N GLY A 39 13.65 23.81 -4.96
CA GLY A 39 14.78 23.58 -4.11
C GLY A 39 15.83 22.65 -4.69
N TYR A 40 15.74 22.39 -6.00
CA TYR A 40 16.74 21.61 -6.70
C TYR A 40 17.96 22.45 -7.07
N PRO A 41 19.14 21.81 -7.09
CA PRO A 41 20.38 22.46 -7.52
C PRO A 41 20.29 22.91 -8.98
N LYS A 42 20.86 24.09 -9.27
CA LYS A 42 20.66 24.72 -10.58
C LYS A 42 21.93 24.95 -11.41
N GLU A 43 22.93 25.60 -10.83
CA GLU A 43 24.12 25.96 -11.62
C GLU A 43 25.05 24.77 -11.88
N VAL A 44 25.27 23.94 -10.88
CA VAL A 44 26.21 22.83 -11.03
C VAL A 44 25.74 21.82 -12.07
N PRO A 45 24.44 21.46 -12.04
CA PRO A 45 23.89 20.57 -13.06
C PRO A 45 24.08 21.12 -14.48
N LYS A 46 23.87 22.41 -14.68
CA LYS A 46 24.07 23.00 -16.00
C LYS A 46 25.52 22.84 -16.45
N ALA A 47 26.47 23.11 -15.56
CA ALA A 47 27.88 22.97 -15.88
C ALA A 47 28.25 21.51 -16.11
N LEU A 48 27.64 20.61 -15.35
CA LEU A 48 27.88 19.19 -15.54
C LEU A 48 27.41 18.76 -16.92
N ALA A 49 26.27 19.29 -17.34
CA ALA A 49 25.67 18.91 -18.61
C ALA A 49 26.55 19.31 -19.78
N GLN A 50 27.09 20.52 -19.73
CA GLN A 50 28.01 21.03 -20.75
C GLN A 50 29.25 20.14 -20.88
N ARG A 51 29.82 19.77 -19.74
CA ARG A 51 31.01 18.92 -19.75
C ARG A 51 30.68 17.51 -20.20
N MET A 52 29.45 17.07 -19.94
CA MET A 52 28.99 15.77 -20.42
C MET A 52 28.88 15.73 -21.93
N GLU A 53 28.27 16.76 -22.52
CA GLU A 53 28.10 16.83 -23.96
C GLU A 53 29.46 16.81 -24.63
N ALA A 54 30.36 17.66 -24.14
CA ALA A 54 31.72 17.72 -24.65
C ALA A 54 32.41 16.36 -24.61
N ALA A 55 32.27 15.64 -23.49
CA ALA A 55 32.84 14.30 -23.36
C ALA A 55 32.27 13.33 -24.40
N HIS A 56 30.94 13.34 -24.53
CA HIS A 56 30.26 12.46 -25.48
C HIS A 56 30.74 12.71 -26.91
N ASP A 57 30.85 13.97 -27.30
CA ASP A 57 31.34 14.34 -28.62
C ASP A 57 32.72 13.73 -28.92
N ARG A 58 33.50 13.44 -27.89
CA ARG A 58 34.84 12.88 -28.06
C ARG A 58 34.94 11.38 -27.76
N GLY A 59 33.78 10.75 -27.59
CA GLY A 59 33.71 9.31 -27.39
C GLY A 59 33.97 8.85 -25.97
N GLU A 60 33.79 9.75 -25.01
CA GLU A 60 33.95 9.39 -23.60
C GLU A 60 32.59 9.23 -22.97
N LYS A 61 32.38 8.10 -22.29
CA LYS A 61 31.19 7.94 -21.47
C LYS A 61 31.21 8.93 -20.32
N TYR A 62 30.05 9.51 -20.03
CA TYR A 62 29.88 10.38 -18.87
C TYR A 62 28.40 10.40 -18.51
N GLN A 63 28.02 9.51 -17.60
CA GLN A 63 26.64 9.47 -17.12
C GLN A 63 26.60 9.28 -15.60
N ILE A 64 25.53 9.77 -14.99
CA ILE A 64 25.32 9.54 -13.57
C ILE A 64 24.01 8.83 -13.28
N SER A 65 23.94 8.23 -12.10
CA SER A 65 22.68 7.84 -11.52
C SER A 65 22.20 9.04 -10.69
N LEU A 66 20.96 9.47 -10.94
CA LEU A 66 20.39 10.67 -10.31
C LEU A 66 19.20 10.32 -9.42
N ILE A 67 19.36 10.53 -8.12
CA ILE A 67 18.33 10.23 -7.13
C ILE A 67 17.95 11.52 -6.42
N THR A 68 16.66 11.84 -6.41
CA THR A 68 16.18 13.14 -5.95
C THR A 68 15.18 13.03 -4.80
N GLY A 69 14.59 14.15 -4.41
CA GLY A 69 13.42 14.08 -3.54
C GLY A 69 12.25 13.65 -4.40
N ALA A 70 11.88 14.50 -5.34
CA ALA A 70 10.95 14.13 -6.38
C ALA A 70 11.32 14.88 -7.66
N SER A 71 10.35 15.51 -8.30
CA SER A 71 10.63 16.18 -9.57
C SER A 71 11.56 17.39 -9.37
N THR A 72 12.32 17.73 -10.41
CA THR A 72 13.20 18.89 -10.31
C THR A 72 12.77 20.01 -11.27
N GLY A 73 13.68 20.43 -12.14
CA GLY A 73 13.39 21.51 -13.07
C GLY A 73 14.26 21.42 -14.30
N PRO A 74 14.07 22.36 -15.24
CA PRO A 74 14.87 22.37 -16.47
C PRO A 74 16.40 22.41 -16.25
N GLN A 75 16.86 23.14 -15.23
CA GLN A 75 18.29 23.20 -14.96
C GLN A 75 18.90 21.84 -14.61
N LEU A 76 18.10 20.95 -14.05
CA LEU A 76 18.61 19.66 -13.61
C LEU A 76 18.18 18.51 -14.54
N ASP A 77 16.97 18.00 -14.37
CA ASP A 77 16.44 16.96 -15.25
C ASP A 77 16.52 17.40 -16.71
N GLY A 78 16.10 18.63 -17.00
CA GLY A 78 16.14 19.13 -18.36
C GLY A 78 17.54 19.07 -18.98
N GLU A 79 18.48 19.77 -18.35
CA GLU A 79 19.83 19.90 -18.88
C GLU A 79 20.56 18.55 -18.96
N LEU A 80 20.47 17.76 -17.90
CA LEU A 80 21.11 16.45 -17.89
C LEU A 80 20.52 15.47 -18.93
N ALA A 81 19.20 15.52 -19.14
CA ALA A 81 18.58 14.66 -20.15
C ALA A 81 18.95 15.11 -21.56
N LYS A 82 18.97 16.42 -21.80
CA LYS A 82 19.42 16.93 -23.10
C LYS A 82 20.82 16.42 -23.43
N ALA A 83 21.66 16.31 -22.40
CA ALA A 83 23.04 15.88 -22.59
C ALA A 83 23.17 14.35 -22.56
N ASN A 84 22.04 13.67 -22.39
CA ASN A 84 22.05 12.21 -22.32
C ASN A 84 23.02 11.76 -21.22
N GLY A 85 22.94 12.42 -20.07
CA GLY A 85 23.90 12.21 -19.00
C GLY A 85 23.41 11.42 -17.80
N VAL A 86 22.24 10.81 -17.91
CA VAL A 86 21.68 10.07 -16.80
C VAL A 86 21.37 8.64 -17.19
N TYR A 87 22.09 7.68 -16.62
CA TYR A 87 21.81 6.28 -16.92
C TYR A 87 20.71 5.67 -16.05
N PHE A 88 20.46 6.25 -14.87
CA PHE A 88 19.36 5.81 -14.00
C PHE A 88 18.78 6.97 -13.20
N ARG A 89 17.46 6.96 -13.04
CA ARG A 89 16.76 8.05 -12.41
C ARG A 89 15.70 7.50 -11.47
N SER A 90 15.53 8.16 -10.33
CA SER A 90 14.55 7.76 -9.33
C SER A 90 14.41 8.93 -8.37
N PRO A 91 13.21 9.13 -7.78
CA PRO A 91 12.01 8.32 -7.92
C PRO A 91 10.86 9.03 -8.66
N PHE A 92 11.05 10.28 -9.08
CA PHE A 92 9.93 11.05 -9.65
C PHE A 92 10.44 12.18 -10.53
N ASN A 93 9.91 12.26 -11.74
CA ASN A 93 10.33 13.26 -12.72
C ASN A 93 9.14 13.92 -13.39
N THR A 94 9.21 15.22 -13.71
CA THR A 94 8.17 15.84 -14.54
C THR A 94 8.72 16.55 -15.78
N ASP A 95 10.03 16.47 -15.98
CA ASP A 95 10.65 17.12 -17.10
C ASP A 95 10.40 16.36 -18.40
N ALA A 96 10.01 17.08 -19.46
CA ALA A 96 9.62 16.42 -20.70
C ALA A 96 10.79 15.72 -21.39
N THR A 97 11.96 16.35 -21.42
CA THR A 97 13.12 15.74 -22.05
C THR A 97 13.49 14.45 -21.32
N MET A 98 13.52 14.52 -19.99
CA MET A 98 13.82 13.36 -19.16
C MET A 98 12.75 12.28 -19.35
N ARG A 99 11.49 12.71 -19.51
CA ARG A 99 10.44 11.75 -19.78
C ARG A 99 10.72 11.01 -21.08
N ASN A 100 11.14 11.74 -22.11
CA ASN A 100 11.48 11.08 -23.39
C ASN A 100 12.66 10.11 -23.25
N ARG A 101 13.68 10.47 -22.48
CA ARG A 101 14.81 9.58 -22.31
C ARG A 101 14.35 8.28 -21.67
N ILE A 102 13.49 8.43 -20.67
CA ILE A 102 12.89 7.30 -19.99
C ILE A 102 12.04 6.45 -20.92
N ASN A 103 11.15 7.10 -21.68
CA ASN A 103 10.21 6.38 -22.55
C ASN A 103 10.88 5.81 -23.79
N ALA A 104 12.10 6.26 -24.07
CA ALA A 104 12.91 5.70 -25.16
C ALA A 104 13.85 4.60 -24.66
N GLY A 105 13.93 4.42 -23.36
CA GLY A 105 14.80 3.38 -22.81
C GLY A 105 16.25 3.85 -22.69
N GLU A 106 16.43 5.16 -22.79
CA GLU A 106 17.76 5.75 -22.76
C GLU A 106 18.18 6.07 -21.31
N THR A 107 17.18 6.25 -20.44
CA THR A 107 17.43 6.37 -19.01
C THR A 107 16.60 5.32 -18.26
N GLU A 108 17.26 4.49 -17.46
CA GLU A 108 16.54 3.54 -16.60
C GLU A 108 15.86 4.28 -15.44
N TYR A 109 14.61 3.93 -15.16
CA TYR A 109 13.77 4.69 -14.25
C TYR A 109 13.01 3.75 -13.33
N PHE A 110 12.97 4.08 -12.05
CA PHE A 110 12.08 3.39 -11.15
C PHE A 110 11.51 4.34 -10.13
N ASP A 111 10.18 4.45 -10.14
CA ASP A 111 9.45 5.41 -9.30
C ASP A 111 9.02 4.78 -7.97
N ASN A 112 9.94 4.76 -7.02
CA ASN A 112 9.65 4.23 -5.69
C ASN A 112 8.64 5.13 -4.99
N HIS A 113 7.91 4.58 -4.02
CA HIS A 113 7.04 5.39 -3.18
C HIS A 113 7.89 6.49 -2.54
N LEU A 114 7.49 7.75 -2.66
CA LEU A 114 8.30 8.84 -2.14
C LEU A 114 8.72 8.66 -0.68
N GLY A 115 7.80 8.17 0.15
CA GLY A 115 8.11 8.01 1.57
C GLY A 115 9.12 6.92 1.86
N GLN A 116 9.39 6.07 0.86
CA GLN A 116 10.28 4.94 1.03
C GLN A 116 11.69 5.16 0.50
N VAL A 117 11.91 6.26 -0.20
CA VAL A 117 13.14 6.47 -0.95
C VAL A 117 14.35 6.52 -0.03
N ALA A 118 14.27 7.36 0.99
CA ALA A 118 15.31 7.45 2.02
C ALA A 118 15.72 6.06 2.56
N GLY A 119 14.73 5.29 3.00
CA GLY A 119 15.00 3.98 3.57
C GLY A 119 15.69 3.03 2.61
N ARG A 120 15.24 3.02 1.36
CA ARG A 120 15.87 2.19 0.33
C ARG A 120 17.26 2.65 -0.03
N ALA A 121 17.50 3.96 0.02
CA ALA A 121 18.83 4.52 -0.23
C ALA A 121 19.80 4.06 0.85
N VAL A 122 19.38 4.20 2.11
CA VAL A 122 20.16 3.74 3.25
C VAL A 122 20.38 2.22 3.22
N GLN A 123 19.38 1.47 2.78
CA GLN A 123 19.50 0.02 2.61
C GLN A 123 20.51 -0.31 1.52
N GLY A 124 20.70 0.61 0.58
CA GLY A 124 21.71 0.44 -0.45
C GLY A 124 21.17 0.06 -1.82
N ASN A 125 19.86 0.16 -2.00
CA ASN A 125 19.26 -0.17 -3.29
C ASN A 125 19.80 0.62 -4.48
N TYR A 126 20.17 1.88 -4.27
CA TYR A 126 20.66 2.70 -5.36
C TYR A 126 22.17 2.58 -5.50
N GLY A 127 22.77 1.74 -4.66
CA GLY A 127 24.21 1.65 -4.58
C GLY A 127 24.76 2.67 -3.61
N LYS A 128 26.08 2.85 -3.65
CA LYS A 128 26.76 3.77 -2.75
C LYS A 128 26.66 5.19 -3.31
N PHE A 129 26.33 6.15 -2.45
CA PHE A 129 26.18 7.54 -2.88
C PHE A 129 27.53 8.24 -2.93
N ASN A 130 27.91 8.69 -4.12
CA ASN A 130 29.19 9.38 -4.27
C ASN A 130 29.05 10.87 -3.97
N ILE A 131 27.96 11.46 -4.40
CA ILE A 131 27.74 12.90 -4.25
C ILE A 131 26.37 13.22 -3.66
N ALA A 132 26.33 14.19 -2.76
CA ALA A 132 25.10 14.87 -2.39
C ALA A 132 25.22 16.29 -2.91
N LEU A 133 24.23 16.71 -3.69
CA LEU A 133 24.24 18.04 -4.25
C LEU A 133 22.97 18.73 -3.82
N VAL A 134 23.10 19.63 -2.85
CA VAL A 134 21.97 20.21 -2.13
C VAL A 134 21.95 21.74 -2.18
N GLU A 135 20.79 22.29 -2.50
CA GLU A 135 20.63 23.74 -2.50
C GLU A 135 20.35 24.24 -1.09
N ALA A 136 20.85 25.43 -0.77
CA ALA A 136 20.70 25.96 0.57
C ALA A 136 20.34 27.44 0.54
N THR A 137 19.59 27.88 1.55
CA THR A 137 19.27 29.29 1.73
C THR A 137 20.47 29.98 2.35
N ALA A 138 21.09 29.28 3.29
CA ALA A 138 22.20 29.79 4.05
C ALA A 138 22.90 28.65 4.76
N ILE A 139 24.05 28.97 5.33
CA ILE A 139 24.78 28.05 6.18
C ILE A 139 24.99 28.77 7.52
N THR A 140 24.55 28.14 8.60
CA THR A 140 24.57 28.79 9.90
C THR A 140 25.97 28.82 10.50
N GLU A 141 26.12 29.61 11.56
CA GLU A 141 27.38 29.75 12.27
C GLU A 141 28.02 28.41 12.69
N ASP A 142 27.20 27.43 13.04
CA ASP A 142 27.75 26.13 13.40
C ASP A 142 27.77 25.13 12.24
N GLY A 143 27.63 25.63 11.01
CA GLY A 143 27.75 24.79 9.84
C GLY A 143 26.49 24.02 9.46
N GLY A 144 25.36 24.37 10.06
CA GLY A 144 24.08 23.78 9.68
C GLY A 144 23.67 24.24 8.29
N ILE A 145 23.11 23.35 7.49
CA ILE A 145 22.67 23.71 6.13
C ILE A 145 21.18 24.03 6.12
N VAL A 146 20.83 25.30 5.91
CA VAL A 146 19.41 25.67 5.82
C VAL A 146 18.90 25.36 4.43
N PRO A 147 17.91 24.45 4.32
CA PRO A 147 17.40 24.09 2.99
C PRO A 147 16.62 25.25 2.36
N THR A 148 16.15 25.07 1.12
CA THR A 148 15.38 26.12 0.49
C THR A 148 13.88 25.85 0.44
N SER A 149 13.32 25.68 -0.75
CA SER A 149 11.87 25.63 -0.91
C SER A 149 11.31 24.19 -0.81
N SER A 150 12.19 23.26 -0.44
CA SER A 150 11.77 21.90 -0.12
C SER A 150 12.83 21.24 0.76
N VAL A 151 12.45 20.16 1.44
CA VAL A 151 13.37 19.40 2.27
C VAL A 151 13.70 18.09 1.54
N GLY A 152 12.67 17.41 1.04
CA GLY A 152 12.84 16.16 0.32
C GLY A 152 13.66 15.12 1.08
N ASN A 153 14.64 14.52 0.39
CA ASN A 153 15.51 13.50 0.96
C ASN A 153 16.87 14.05 1.32
N SER A 154 16.98 15.37 1.43
CA SER A 154 18.30 16.00 1.54
C SER A 154 19.14 15.52 2.71
N GLN A 155 18.51 15.32 3.86
CA GLN A 155 19.23 14.89 5.07
C GLN A 155 19.77 13.47 4.89
N THR A 156 19.01 12.62 4.21
CA THR A 156 19.47 11.25 4.00
C THR A 156 20.62 11.26 3.00
N PHE A 157 20.49 12.05 1.94
CA PHE A 157 21.54 12.15 0.95
C PHE A 157 22.83 12.70 1.57
N LEU A 158 22.71 13.73 2.42
CA LEU A 158 23.88 14.25 3.12
C LEU A 158 24.54 13.17 3.99
N ASN A 159 23.75 12.39 4.72
CA ASN A 159 24.30 11.31 5.54
C ASN A 159 25.05 10.27 4.70
N LEU A 160 24.50 9.93 3.54
CA LEU A 160 25.01 8.81 2.77
C LEU A 160 26.21 9.15 1.88
N ALA A 161 26.26 10.37 1.35
CA ALA A 161 27.23 10.70 0.32
C ALA A 161 28.67 10.79 0.82
N GLU A 162 29.60 10.37 -0.02
CA GLU A 162 31.02 10.48 0.30
C GLU A 162 31.45 11.94 0.27
N LYS A 163 31.04 12.67 -0.77
CA LYS A 163 31.33 14.09 -0.87
C LYS A 163 30.06 14.93 -1.03
N VAL A 164 30.11 16.16 -0.53
CA VAL A 164 28.94 17.02 -0.53
C VAL A 164 29.24 18.33 -1.24
N ILE A 165 28.35 18.73 -2.13
CA ILE A 165 28.42 20.03 -2.77
C ILE A 165 27.17 20.83 -2.39
N ILE A 166 27.37 22.06 -1.91
CA ILE A 166 26.25 22.90 -1.52
C ILE A 166 26.13 24.08 -2.48
N GLU A 167 24.92 24.32 -2.98
CA GLU A 167 24.65 25.52 -3.75
C GLU A 167 23.90 26.49 -2.86
N VAL A 168 24.54 27.61 -2.54
CA VAL A 168 23.91 28.65 -1.73
C VAL A 168 23.23 29.66 -2.64
N ASN A 169 21.89 29.64 -2.66
CA ASN A 169 21.12 30.39 -3.65
C ASN A 169 20.48 31.70 -3.15
N GLU A 170 21.05 32.83 -3.55
CA GLU A 170 20.62 34.13 -3.04
C GLU A 170 19.23 34.49 -3.54
N TRP A 171 18.72 33.74 -4.51
CA TRP A 171 17.37 33.95 -5.02
C TRP A 171 16.35 33.55 -3.96
N GLN A 172 16.69 32.54 -3.17
CA GLN A 172 15.78 32.02 -2.16
C GLN A 172 15.74 32.97 -0.96
N ASN A 173 14.53 33.24 -0.50
CA ASN A 173 14.30 34.17 0.60
C ASN A 173 14.98 33.72 1.90
N PRO A 174 15.75 34.62 2.51
CA PRO A 174 16.49 34.32 3.76
C PRO A 174 15.55 33.87 4.88
N MET A 175 14.32 34.33 4.83
CA MET A 175 13.37 34.04 5.90
C MET A 175 12.82 32.62 5.84
N LEU A 176 13.21 31.86 4.83
CA LEU A 176 12.89 30.44 4.83
C LEU A 176 13.52 29.77 6.06
N GLU A 177 14.61 30.36 6.55
CA GLU A 177 15.27 29.82 7.74
C GLU A 177 14.31 29.78 8.92
N GLY A 178 14.04 28.57 9.41
CA GLY A 178 13.08 28.40 10.49
C GLY A 178 11.79 27.69 10.09
N ILE A 179 11.53 27.60 8.79
CA ILE A 179 10.29 27.01 8.32
C ILE A 179 10.37 25.47 8.30
N HIS A 180 11.59 24.95 8.23
CA HIS A 180 11.79 23.51 8.12
C HIS A 180 11.87 22.83 9.48
N ASP A 181 11.53 21.55 9.51
CA ASP A 181 11.65 20.75 10.70
C ASP A 181 12.40 19.50 10.29
N ILE A 182 13.65 19.39 10.70
CA ILE A 182 14.48 18.23 10.38
C ILE A 182 14.75 17.42 11.64
N TRP A 183 14.32 16.16 11.63
CA TRP A 183 14.42 15.31 12.80
C TRP A 183 15.71 14.53 12.73
N ASP A 184 16.40 14.38 13.86
CA ASP A 184 17.59 13.53 13.88
C ASP A 184 17.27 12.10 14.29
N GLY A 185 15.98 11.81 14.47
CA GLY A 185 15.54 10.48 14.80
C GLY A 185 15.75 9.50 13.66
N ASN A 186 15.64 8.21 13.97
CA ASN A 186 15.82 7.16 12.99
C ASN A 186 14.50 6.80 12.32
N VAL A 187 14.21 7.49 11.23
CA VAL A 187 12.98 7.27 10.50
C VAL A 187 13.21 6.22 9.42
N SER A 188 14.36 6.31 8.76
CA SER A 188 14.60 5.52 7.57
C SER A 188 15.90 4.74 7.65
N GLY A 189 16.45 4.65 8.86
CA GLY A 189 17.73 4.00 9.07
C GLY A 189 17.61 2.51 9.34
N VAL A 190 18.61 1.97 10.04
CA VAL A 190 18.65 0.56 10.34
C VAL A 190 17.64 0.22 11.44
N PRO A 191 16.83 -0.82 11.24
CA PRO A 191 15.86 -1.24 12.25
C PRO A 191 16.59 -1.65 13.54
N THR A 192 15.95 -1.50 14.69
CA THR A 192 14.58 -1.01 14.80
C THR A 192 14.52 0.50 14.70
N ARG A 193 13.60 1.01 13.89
CA ARG A 193 13.44 2.45 13.72
C ARG A 193 12.82 3.09 14.96
N ASP A 194 12.91 4.41 15.05
CA ASP A 194 12.32 5.12 16.17
C ASP A 194 10.85 5.36 15.88
N ILE A 195 10.07 5.53 16.94
CA ILE A 195 8.74 6.06 16.80
C ILE A 195 8.85 7.54 16.46
N VAL A 196 8.14 7.96 15.43
CA VAL A 196 8.06 9.38 15.11
C VAL A 196 6.85 9.93 15.85
N PRO A 197 7.08 10.75 16.88
CA PRO A 197 6.06 11.12 17.86
C PRO A 197 5.07 12.18 17.37
N ILE A 198 4.84 12.27 16.06
CA ILE A 198 3.90 13.25 15.53
C ILE A 198 2.47 12.83 15.74
N VAL A 199 1.74 13.57 16.58
CA VAL A 199 0.34 13.26 16.86
C VAL A 199 -0.59 14.41 16.43
N ARG A 200 0.00 15.46 15.84
CA ARG A 200 -0.76 16.55 15.21
C ARG A 200 0.00 17.21 14.06
N ALA A 201 -0.74 17.70 13.08
CA ALA A 201 -0.16 18.17 11.84
C ALA A 201 0.79 19.35 12.01
N ASP A 202 0.54 20.16 13.04
CA ASP A 202 1.38 21.34 13.28
C ASP A 202 2.57 21.07 14.21
N GLN A 203 2.80 19.80 14.54
CA GLN A 203 3.84 19.45 15.50
C GLN A 203 5.25 19.42 14.90
N ARG A 204 6.17 20.14 15.53
CA ARG A 204 7.57 20.10 15.16
C ARG A 204 8.30 19.12 16.08
N VAL A 205 9.14 18.28 15.49
CA VAL A 205 9.88 17.31 16.28
C VAL A 205 11.39 17.51 16.21
N GLY A 206 11.85 18.44 15.37
CA GLY A 206 13.28 18.57 15.13
C GLY A 206 13.78 20.01 15.07
N GLY A 207 14.73 20.28 14.18
CA GLY A 207 15.33 21.59 14.06
C GLY A 207 15.30 22.16 12.65
N PRO A 208 15.82 23.38 12.49
CA PRO A 208 15.75 24.15 11.24
C PRO A 208 16.88 23.87 10.23
N VAL A 209 17.83 23.01 10.60
CA VAL A 209 18.95 22.77 9.70
C VAL A 209 19.21 21.31 9.36
N LEU A 210 19.72 21.09 8.16
CA LEU A 210 20.30 19.80 7.82
C LEU A 210 21.67 19.69 8.45
N ARG A 211 21.99 18.50 8.92
CA ARG A 211 23.29 18.26 9.51
C ARG A 211 24.24 17.51 8.58
N VAL A 212 25.47 18.03 8.47
CA VAL A 212 26.51 17.35 7.71
C VAL A 212 27.87 17.64 8.29
N ASN A 213 28.70 16.61 8.31
CA ASN A 213 30.10 16.76 8.68
C ASN A 213 30.81 17.68 7.69
N PRO A 214 31.32 18.82 8.18
CA PRO A 214 31.94 19.80 7.28
C PRO A 214 33.11 19.21 6.51
N ASP A 215 33.68 18.10 7.01
CA ASP A 215 34.78 17.46 6.29
C ASP A 215 34.31 16.89 4.95
N LYS A 216 33.03 16.56 4.85
CA LYS A 216 32.52 15.99 3.61
C LYS A 216 32.24 17.05 2.56
N ILE A 217 32.16 18.32 2.98
CA ILE A 217 31.83 19.38 2.05
C ILE A 217 33.01 19.68 1.16
N ALA A 218 32.91 19.27 -0.11
CA ALA A 218 34.03 19.43 -1.06
C ALA A 218 33.93 20.72 -1.88
N ALA A 219 32.78 21.37 -1.86
CA ALA A 219 32.60 22.57 -2.65
C ALA A 219 31.34 23.30 -2.29
N ILE A 220 31.43 24.63 -2.24
CA ILE A 220 30.26 25.47 -2.10
C ILE A 220 30.19 26.41 -3.30
N VAL A 221 29.02 26.48 -3.92
CA VAL A 221 28.87 27.32 -5.10
C VAL A 221 27.82 28.38 -4.80
N ARG A 222 28.17 29.64 -5.04
CA ARG A 222 27.25 30.73 -4.82
C ARG A 222 26.37 30.91 -6.05
N THR A 223 25.06 30.83 -5.87
CA THR A 223 24.18 30.89 -7.03
C THR A 223 23.12 31.97 -6.88
N ASN A 224 22.39 32.17 -7.96
CA ASN A 224 21.31 33.13 -8.03
C ASN A 224 20.43 32.80 -9.22
N ASP A 225 19.37 32.01 -8.98
CA ASP A 225 18.57 31.43 -10.05
C ASP A 225 17.25 30.93 -9.49
N ARG A 226 16.21 31.01 -10.31
CA ARG A 226 14.85 30.75 -9.85
C ARG A 226 14.43 29.28 -9.89
N ASP A 227 13.48 28.95 -9.03
CA ASP A 227 12.80 27.67 -9.07
C ASP A 227 11.85 27.61 -10.26
N GLU A 228 11.33 26.41 -10.52
CA GLU A 228 10.37 26.21 -11.58
C GLU A 228 8.97 26.44 -11.02
N ASN A 229 8.46 27.64 -11.17
CA ASN A 229 7.13 27.99 -10.68
C ASN A 229 6.08 27.74 -11.77
N ALA A 230 5.42 26.59 -11.80
CA ALA A 230 4.46 26.37 -12.87
C ALA A 230 3.45 27.52 -12.87
N PRO A 231 3.06 27.99 -14.07
CA PRO A 231 1.98 28.99 -14.16
C PRO A 231 0.72 28.48 -13.47
N PHE A 232 -0.11 29.38 -12.96
CA PHE A 232 -1.34 28.96 -12.31
C PHE A 232 -2.32 28.38 -13.32
N ALA A 233 -2.70 27.12 -13.11
CA ALA A 233 -3.69 26.44 -13.92
C ALA A 233 -5.07 26.81 -13.42
N ALA A 234 -5.68 27.79 -14.08
CA ALA A 234 -6.98 28.30 -13.66
C ALA A 234 -8.05 27.24 -13.90
N PRO A 235 -8.79 26.92 -12.84
CA PRO A 235 -9.80 25.86 -12.91
C PRO A 235 -10.81 26.07 -14.03
N ASP A 236 -10.88 25.11 -14.95
CA ASP A 236 -11.91 25.15 -15.98
C ASP A 236 -13.22 24.56 -15.43
N GLU A 237 -14.25 24.51 -16.27
CA GLU A 237 -15.57 24.09 -15.82
C GLU A 237 -15.60 22.62 -15.40
N THR A 238 -14.79 21.79 -16.05
CA THR A 238 -14.65 20.40 -15.67
C THR A 238 -14.09 20.27 -14.26
N ALA A 239 -13.05 21.03 -13.97
CA ALA A 239 -12.47 21.03 -12.64
C ALA A 239 -13.45 21.56 -11.56
N LYS A 240 -14.24 22.57 -11.89
CA LYS A 240 -15.16 23.15 -10.91
C LYS A 240 -16.28 22.17 -10.59
N ALA A 241 -16.70 21.43 -11.61
CA ALA A 241 -17.73 20.42 -11.43
C ALA A 241 -17.22 19.33 -10.51
N ILE A 242 -15.99 18.88 -10.75
CA ILE A 242 -15.36 17.88 -9.88
C ILE A 242 -15.31 18.37 -8.43
N ALA A 243 -14.79 19.58 -8.24
CA ALA A 243 -14.74 20.20 -6.92
C ALA A 243 -16.12 20.27 -6.26
N GLY A 244 -17.12 20.67 -7.04
CA GLY A 244 -18.46 20.80 -6.52
C GLY A 244 -19.00 19.49 -5.98
N TYR A 245 -18.74 18.39 -6.68
CA TYR A 245 -19.22 17.09 -6.24
C TYR A 245 -18.48 16.66 -5.00
N LEU A 246 -17.19 16.98 -4.93
CA LEU A 246 -16.38 16.64 -3.76
C LEU A 246 -16.84 17.41 -2.53
N LEU A 247 -17.02 18.72 -2.67
CA LEU A 247 -17.45 19.56 -1.55
C LEU A 247 -18.85 19.15 -1.04
N ASP A 248 -19.77 18.86 -1.96
CA ASP A 248 -21.09 18.34 -1.57
C ASP A 248 -20.91 17.06 -0.77
N PHE A 249 -20.04 16.19 -1.23
CA PHE A 249 -19.77 14.93 -0.55
C PHE A 249 -19.26 15.19 0.89
N PHE A 250 -18.28 16.07 1.02
CA PHE A 250 -17.76 16.44 2.34
C PHE A 250 -18.87 17.00 3.19
N GLY A 251 -19.72 17.83 2.58
CA GLY A 251 -20.86 18.40 3.28
C GLY A 251 -21.74 17.31 3.86
N HIS A 252 -22.02 16.31 3.04
CA HIS A 252 -22.87 15.22 3.46
C HIS A 252 -22.23 14.36 4.55
N GLU A 253 -20.93 14.10 4.45
CA GLU A 253 -20.25 13.30 5.48
C GLU A 253 -20.31 13.99 6.85
N VAL A 254 -20.18 15.30 6.83
CA VAL A 254 -20.22 16.09 8.05
C VAL A 254 -21.62 16.07 8.66
N LYS A 255 -22.65 16.19 7.82
CA LYS A 255 -24.02 16.15 8.31
C LYS A 255 -24.39 14.79 8.89
N GLN A 256 -23.71 13.73 8.44
CA GLN A 256 -23.97 12.37 8.93
C GLN A 256 -22.99 12.01 10.04
N ASN A 257 -22.25 13.01 10.50
CA ASN A 257 -21.23 12.81 11.53
C ASN A 257 -20.13 11.84 11.16
N ARG A 258 -19.84 11.68 9.87
CA ARG A 258 -18.75 10.79 9.50
C ARG A 258 -17.45 11.58 9.36
N LEU A 259 -17.59 12.90 9.43
CA LEU A 259 -16.44 13.80 9.42
C LEU A 259 -16.72 14.98 10.34
N PRO A 260 -15.67 15.49 11.02
CA PRO A 260 -15.82 16.69 11.85
C PRO A 260 -16.05 17.91 10.96
N PRO A 261 -16.67 18.95 11.50
CA PRO A 261 -16.93 20.16 10.71
C PRO A 261 -15.63 20.75 10.18
N SER A 262 -14.51 20.42 10.82
CA SER A 262 -13.20 20.84 10.31
C SER A 262 -12.54 19.76 9.45
N LEU A 263 -13.34 18.85 8.90
CA LEU A 263 -12.83 17.72 8.11
C LEU A 263 -11.68 17.01 8.81
N LEU A 264 -10.73 16.49 8.04
CA LEU A 264 -9.54 15.89 8.62
C LEU A 264 -8.33 16.46 7.88
N PRO A 265 -7.11 16.18 8.37
CA PRO A 265 -5.95 16.70 7.66
C PRO A 265 -6.03 16.35 6.17
N LEU A 266 -5.84 17.35 5.32
CA LEU A 266 -6.08 17.21 3.89
C LEU A 266 -4.78 17.04 3.09
N GLN A 267 -4.77 16.04 2.21
CA GLN A 267 -3.67 15.87 1.28
C GLN A 267 -4.21 16.08 -0.13
N SER A 268 -3.61 17.02 -0.85
CA SER A 268 -3.99 17.27 -2.23
C SER A 268 -2.77 17.46 -3.13
N GLY A 269 -2.96 17.20 -4.43
CA GLY A 269 -1.88 17.34 -5.38
C GLY A 269 -1.83 18.72 -5.99
N VAL A 270 -1.35 18.80 -7.23
CA VAL A 270 -1.26 20.07 -7.93
C VAL A 270 -2.05 20.04 -9.23
N GLY A 271 -2.38 21.21 -9.75
CA GLY A 271 -2.98 21.30 -11.05
C GLY A 271 -4.42 21.78 -11.04
N ASN A 272 -4.97 21.88 -12.24
CA ASN A 272 -6.34 22.33 -12.47
C ASN A 272 -7.33 21.89 -11.39
N VAL A 273 -7.44 20.58 -11.17
CA VAL A 273 -8.43 20.02 -10.28
C VAL A 273 -8.17 20.32 -8.81
N ALA A 274 -6.96 20.02 -8.35
CA ALA A 274 -6.57 20.36 -6.99
C ALA A 274 -6.86 21.85 -6.70
N ASN A 275 -6.54 22.71 -7.65
CA ASN A 275 -6.77 24.13 -7.48
C ASN A 275 -8.26 24.41 -7.30
N ALA A 276 -9.08 23.72 -8.08
CA ALA A 276 -10.52 23.87 -7.97
C ALA A 276 -10.99 23.44 -6.59
N VAL A 277 -10.53 22.27 -6.15
CA VAL A 277 -10.88 21.78 -4.81
C VAL A 277 -10.51 22.78 -3.73
N LEU A 278 -9.28 23.29 -3.81
CA LEU A 278 -8.80 24.22 -2.80
C LEU A 278 -9.60 25.53 -2.84
N GLU A 279 -9.91 25.98 -4.04
CA GLU A 279 -10.70 27.19 -4.23
C GLU A 279 -12.07 26.94 -3.63
N GLY A 280 -12.55 25.72 -3.78
CA GLY A 280 -13.85 25.35 -3.26
C GLY A 280 -13.84 25.34 -1.74
N LEU A 281 -12.78 24.78 -1.16
CA LEU A 281 -12.61 24.77 0.28
C LEU A 281 -12.49 26.17 0.87
N LYS A 282 -11.83 27.07 0.14
CA LYS A 282 -11.60 28.43 0.60
C LYS A 282 -12.92 29.15 0.87
N GLU A 283 -13.97 28.80 0.12
CA GLU A 283 -15.26 29.47 0.25
C GLU A 283 -16.32 28.56 0.86
N GLY A 284 -15.94 27.34 1.21
CA GLY A 284 -16.90 26.37 1.70
C GLY A 284 -17.18 26.55 3.17
N PRO A 285 -18.13 25.77 3.69
CA PRO A 285 -18.64 25.83 5.07
C PRO A 285 -17.74 25.18 6.13
N PHE A 286 -16.52 24.82 5.78
CA PHE A 286 -15.68 24.07 6.71
C PHE A 286 -14.62 24.99 7.28
N GLU A 287 -14.52 25.00 8.59
CA GLU A 287 -13.63 25.93 9.30
C GLU A 287 -12.43 25.21 9.91
N ASN A 288 -11.35 25.95 10.15
CA ASN A 288 -10.23 25.42 10.90
C ASN A 288 -9.59 24.23 10.23
N LEU A 289 -9.50 24.28 8.90
CA LEU A 289 -8.93 23.19 8.13
C LEU A 289 -7.44 23.02 8.40
N VAL A 290 -6.96 21.82 8.15
CA VAL A 290 -5.56 21.51 8.34
C VAL A 290 -5.01 20.78 7.11
N GLY A 291 -3.79 21.16 6.72
CA GLY A 291 -3.13 20.54 5.59
C GLY A 291 -2.04 19.60 6.05
N TYR A 292 -2.10 18.35 5.62
CA TYR A 292 -0.99 17.44 5.85
C TYR A 292 -0.72 16.70 4.58
N SER A 293 0.21 17.25 3.80
CA SER A 293 0.34 16.92 2.39
C SER A 293 1.82 16.79 1.99
N GLU A 294 2.06 16.72 0.68
CA GLU A 294 3.43 16.74 0.15
C GLU A 294 3.86 18.16 -0.21
N VAL A 295 2.92 18.94 -0.73
CA VAL A 295 3.24 20.23 -1.32
C VAL A 295 2.31 21.32 -0.81
N ILE A 296 2.83 22.54 -0.72
CA ILE A 296 2.03 23.73 -0.47
C ILE A 296 1.80 24.37 -1.84
N GLN A 297 0.55 24.49 -2.26
CA GLN A 297 0.26 25.14 -3.54
C GLN A 297 -0.50 26.46 -3.34
N ASP A 298 -0.76 27.18 -4.44
CA ASP A 298 -1.39 28.50 -4.36
C ASP A 298 -2.62 28.52 -3.44
N GLY A 299 -3.53 27.58 -3.68
CA GLY A 299 -4.73 27.46 -2.88
C GLY A 299 -4.48 27.43 -1.39
N MET A 300 -3.52 26.62 -0.95
CA MET A 300 -3.12 26.58 0.45
C MET A 300 -2.82 27.97 0.98
N LEU A 301 -1.91 28.69 0.33
CA LEU A 301 -1.50 29.99 0.83
C LEU A 301 -2.74 30.85 1.09
N ALA A 302 -3.63 30.90 0.11
CA ALA A 302 -4.86 31.69 0.20
C ALA A 302 -5.66 31.35 1.47
N MET A 303 -5.82 30.07 1.74
CA MET A 303 -6.61 29.65 2.91
C MET A 303 -5.91 29.95 4.23
N LEU A 304 -4.58 29.86 4.24
CA LEU A 304 -3.81 30.21 5.42
C LEU A 304 -3.96 31.70 5.64
N ASP A 305 -4.03 32.43 4.53
CA ASP A 305 -4.25 33.87 4.56
C ASP A 305 -5.62 34.20 5.17
N SER A 306 -6.69 33.65 4.59
CA SER A 306 -8.05 33.90 5.05
C SER A 306 -8.36 33.30 6.44
N GLY A 307 -7.50 32.41 6.91
CA GLY A 307 -7.71 31.78 8.19
C GLY A 307 -8.58 30.52 8.13
N ARG A 308 -9.05 30.18 6.93
CA ARG A 308 -9.84 28.97 6.73
C ARG A 308 -8.98 27.74 7.02
N MET A 309 -7.71 27.81 6.65
CA MET A 309 -6.74 26.77 6.95
C MET A 309 -5.82 27.25 8.07
N ARG A 310 -5.63 26.44 9.12
CA ARG A 310 -4.87 26.88 10.29
C ARG A 310 -3.38 26.60 10.20
N ILE A 311 -3.02 25.46 9.62
CA ILE A 311 -1.62 25.08 9.43
C ILE A 311 -1.50 24.21 8.19
N ALA A 312 -0.33 24.22 7.56
CA ALA A 312 -0.10 23.30 6.44
C ALA A 312 1.26 22.63 6.54
N SER A 313 1.23 21.31 6.62
CA SER A 313 2.45 20.51 6.66
C SER A 313 2.71 19.99 5.26
N ALA A 314 3.98 19.99 4.87
CA ALA A 314 4.37 19.48 3.56
C ALA A 314 5.87 19.24 3.55
N SER A 315 6.37 18.71 2.44
CA SER A 315 7.80 18.58 2.28
C SER A 315 8.33 19.68 1.37
N SER A 316 7.43 20.31 0.63
CA SER A 316 7.82 21.20 -0.47
C SER A 316 6.81 22.29 -0.83
N PHE A 317 7.29 23.32 -1.50
CA PHE A 317 6.41 24.30 -2.12
C PHE A 317 6.17 23.93 -3.58
N SER A 318 5.01 24.32 -4.09
CA SER A 318 4.74 24.24 -5.53
C SER A 318 3.85 25.41 -5.91
N LEU A 319 4.46 26.56 -6.12
CA LEU A 319 3.72 27.80 -6.31
C LEU A 319 3.89 28.35 -7.70
N SER A 320 2.90 29.13 -8.14
CA SER A 320 3.00 29.91 -9.35
C SER A 320 3.86 31.16 -9.04
N PRO A 321 4.36 31.83 -10.09
CA PRO A 321 5.12 33.08 -9.89
C PRO A 321 4.39 34.08 -9.01
N GLU A 322 3.10 34.27 -9.25
CA GLU A 322 2.36 35.23 -8.45
C GLU A 322 2.36 34.77 -6.99
N ALA A 323 2.15 33.47 -6.78
CA ALA A 323 2.12 32.93 -5.44
C ALA A 323 3.50 32.99 -4.78
N ALA A 324 4.55 32.70 -5.54
CA ALA A 324 5.91 32.84 -5.03
C ALA A 324 6.19 34.29 -4.61
N GLU A 325 5.82 35.24 -5.46
CA GLU A 325 5.93 36.66 -5.17
C GLU A 325 5.24 37.01 -3.86
N GLU A 326 4.00 36.53 -3.71
CA GLU A 326 3.20 36.83 -2.53
C GLU A 326 3.87 36.31 -1.25
N ILE A 327 4.36 35.07 -1.27
CA ILE A 327 4.94 34.49 -0.07
C ILE A 327 6.29 35.13 0.28
N ASN A 328 7.04 35.56 -0.74
CA ASN A 328 8.32 36.22 -0.50
C ASN A 328 8.16 37.62 0.10
N ASN A 329 7.02 38.25 -0.14
CA ASN A 329 6.75 39.56 0.45
C ASN A 329 6.16 39.44 1.85
N ARG A 330 5.72 38.24 2.22
CA ARG A 330 5.04 38.04 3.51
C ARG A 330 5.57 36.81 4.24
N MET A 331 6.85 36.51 4.03
CA MET A 331 7.44 35.28 4.52
C MET A 331 7.30 35.16 6.03
N ASP A 332 7.42 36.28 6.73
CA ASP A 332 7.30 36.28 8.17
C ASP A 332 5.94 35.76 8.60
N PHE A 333 4.89 36.16 7.88
CA PHE A 333 3.54 35.67 8.16
C PHE A 333 3.40 34.17 7.87
N PHE A 334 3.67 33.79 6.63
CA PHE A 334 3.46 32.43 6.16
C PHE A 334 4.36 31.42 6.87
N ARG A 335 5.52 31.86 7.30
CA ARG A 335 6.46 30.98 7.98
C ARG A 335 5.91 30.42 9.29
N SER A 336 5.04 31.19 9.94
CA SER A 336 4.44 30.75 11.19
C SER A 336 3.31 29.74 10.95
N LYS A 337 2.94 29.54 9.69
CA LYS A 337 1.76 28.78 9.29
C LYS A 337 2.13 27.52 8.50
N ILE A 338 3.39 27.41 8.13
CA ILE A 338 3.85 26.33 7.26
C ILE A 338 4.93 25.52 7.95
N ILE A 339 4.89 24.21 7.77
CA ILE A 339 6.00 23.38 8.22
C ILE A 339 6.49 22.52 7.08
N LEU A 340 7.76 22.67 6.71
CA LEU A 340 8.37 21.79 5.71
C LEU A 340 9.16 20.66 6.38
N ARG A 341 8.82 19.43 6.04
CA ARG A 341 9.38 18.24 6.68
C ARG A 341 10.14 17.38 5.67
N GLN A 342 10.98 16.48 6.18
CA GLN A 342 11.63 15.48 5.34
C GLN A 342 10.54 14.63 4.68
N GLN A 343 10.76 14.21 3.45
CA GLN A 343 9.68 13.51 2.77
C GLN A 343 9.39 12.14 3.39
N ASP A 344 10.34 11.59 4.12
CA ASP A 344 10.07 10.31 4.74
C ASP A 344 9.22 10.47 6.02
N VAL A 345 9.00 11.72 6.42
CA VAL A 345 8.09 12.05 7.51
C VAL A 345 6.72 12.53 6.99
N SER A 346 6.73 13.44 6.04
CA SER A 346 5.47 13.92 5.48
C SER A 346 4.73 12.77 4.80
N ASN A 347 5.48 11.80 4.28
CA ASN A 347 4.91 10.64 3.60
C ASN A 347 4.96 9.34 4.41
N SER A 348 5.10 9.46 5.72
CA SER A 348 5.12 8.30 6.61
C SER A 348 3.72 7.72 6.81
N PRO A 349 3.53 6.45 6.40
CA PRO A 349 2.22 5.79 6.50
C PRO A 349 1.70 5.76 7.93
N GLY A 350 2.60 5.56 8.89
CA GLY A 350 2.22 5.49 10.29
C GLY A 350 1.57 6.79 10.72
N ILE A 351 2.19 7.89 10.32
CA ILE A 351 1.71 9.21 10.69
C ILE A 351 0.45 9.58 9.90
N ILE A 352 0.46 9.27 8.61
CA ILE A 352 -0.72 9.56 7.80
C ILE A 352 -1.97 8.84 8.36
N ARG A 353 -1.83 7.56 8.70
CA ARG A 353 -2.95 6.81 9.26
C ARG A 353 -3.37 7.35 10.63
N ARG A 354 -2.40 7.72 11.45
CA ARG A 354 -2.66 8.18 12.81
C ARG A 354 -3.46 9.47 12.76
N LEU A 355 -3.02 10.39 11.89
CA LEU A 355 -3.69 11.67 11.72
C LEU A 355 -5.04 11.52 11.01
N GLY A 356 -5.23 10.38 10.35
CA GLY A 356 -6.46 10.14 9.62
C GLY A 356 -6.65 11.00 8.39
N CYS A 357 -5.58 11.19 7.62
CA CYS A 357 -5.63 12.09 6.47
C CYS A 357 -6.69 11.71 5.46
N ILE A 358 -7.19 12.72 4.77
CA ILE A 358 -8.02 12.56 3.58
C ILE A 358 -7.13 12.73 2.34
N ALA A 359 -7.02 11.69 1.54
CA ALA A 359 -6.14 11.69 0.37
C ALA A 359 -6.94 12.00 -0.89
N MET A 360 -6.49 12.99 -1.65
CA MET A 360 -7.14 13.38 -2.89
C MET A 360 -6.12 13.40 -4.03
N ASN A 361 -6.25 12.44 -4.95
CA ASN A 361 -5.23 12.28 -5.97
C ASN A 361 -5.75 12.19 -7.39
N GLY A 362 -4.92 12.60 -8.35
CA GLY A 362 -5.29 12.49 -9.74
C GLY A 362 -5.06 11.08 -10.20
N MET A 363 -5.41 10.80 -11.45
CA MET A 363 -5.13 9.48 -12.03
C MET A 363 -5.09 9.60 -13.53
N ILE A 364 -4.35 8.70 -14.15
CA ILE A 364 -4.48 8.49 -15.59
C ILE A 364 -5.87 7.91 -15.88
N GLU A 365 -6.17 6.77 -15.26
CA GLU A 365 -7.39 6.04 -15.54
C GLU A 365 -7.74 5.12 -14.37
N ALA A 366 -9.00 4.71 -14.32
CA ALA A 366 -9.43 3.63 -13.45
C ALA A 366 -10.24 2.64 -14.29
N ASP A 367 -10.19 1.36 -13.93
CA ASP A 367 -11.04 0.40 -14.62
C ASP A 367 -12.39 0.32 -13.91
N ILE A 368 -13.34 -0.43 -14.48
CA ILE A 368 -14.70 -0.45 -13.92
C ILE A 368 -14.74 -0.98 -12.48
N TYR A 369 -13.68 -1.64 -12.03
CA TYR A 369 -13.66 -2.18 -10.67
C TYR A 369 -12.95 -1.27 -9.69
N GLY A 370 -12.43 -0.16 -10.20
CA GLY A 370 -11.84 0.86 -9.34
C GLY A 370 -10.38 0.62 -9.03
N ASN A 371 -9.66 -0.09 -9.91
CA ASN A 371 -8.20 -0.10 -9.90
C ASN A 371 -7.71 1.14 -10.60
N VAL A 372 -6.63 1.72 -10.09
CA VAL A 372 -6.17 3.02 -10.58
C VAL A 372 -4.78 2.96 -11.20
N ASN A 373 -4.67 3.55 -12.39
CA ASN A 373 -3.39 3.75 -13.05
C ASN A 373 -3.01 5.22 -12.84
N SER A 374 -1.84 5.46 -12.25
CA SER A 374 -1.35 6.82 -12.01
C SER A 374 -0.14 7.18 -12.86
N THR A 375 0.34 6.25 -13.69
CA THR A 375 1.68 6.39 -14.23
C THR A 375 1.93 6.05 -15.72
N ARG A 376 1.33 4.96 -16.20
CA ARG A 376 1.75 4.37 -17.46
C ARG A 376 0.66 4.32 -18.53
N VAL A 377 0.66 5.33 -19.39
CA VAL A 377 -0.27 5.39 -20.51
C VAL A 377 -0.12 4.16 -21.41
N MET A 378 -1.25 3.56 -21.77
CA MET A 378 -1.27 2.32 -22.54
C MET A 378 -0.51 1.21 -21.79
N GLY A 379 -0.17 1.46 -20.55
CA GLY A 379 0.50 0.48 -19.72
C GLY A 379 2.01 0.43 -19.85
N SER A 380 2.59 1.30 -20.67
CA SER A 380 4.01 1.18 -21.01
C SER A 380 4.78 2.48 -21.15
N LYS A 381 4.07 3.59 -21.29
CA LYS A 381 4.75 4.88 -21.44
C LYS A 381 4.62 5.69 -20.16
N MET A 382 5.74 5.86 -19.45
CA MET A 382 5.75 6.61 -18.19
C MET A 382 5.33 8.06 -18.37
N MET A 383 4.46 8.53 -17.49
CA MET A 383 4.11 9.94 -17.41
C MET A 383 5.03 10.61 -16.40
N ASN A 384 4.61 10.70 -15.15
CA ASN A 384 5.49 11.26 -14.11
C ASN A 384 6.06 10.21 -13.15
N GLY A 385 5.18 9.54 -12.41
CA GLY A 385 5.59 8.54 -11.45
C GLY A 385 4.53 8.36 -10.38
N ILE A 386 4.62 7.31 -9.58
CA ILE A 386 3.59 7.07 -8.58
C ILE A 386 3.64 8.15 -7.51
N GLY A 387 4.85 8.64 -7.23
CA GLY A 387 5.04 9.71 -6.26
C GLY A 387 4.64 9.28 -4.86
N GLY A 388 3.91 10.14 -4.16
CA GLY A 388 3.42 9.82 -2.83
C GLY A 388 2.00 9.29 -2.83
N SER A 389 1.41 9.10 -4.01
CA SER A 389 0.00 8.72 -4.09
C SER A 389 -0.28 7.40 -3.37
N GLY A 390 0.64 6.47 -3.45
CA GLY A 390 0.48 5.20 -2.75
C GLY A 390 0.62 5.39 -1.25
N ASP A 391 1.66 6.11 -0.83
CA ASP A 391 1.88 6.42 0.57
C ASP A 391 0.60 6.93 1.20
N PHE A 392 -0.06 7.86 0.51
CA PHE A 392 -1.27 8.51 1.04
C PHE A 392 -2.55 7.71 0.84
N ALA A 393 -2.74 7.16 -0.36
CA ALA A 393 -3.96 6.40 -0.66
C ALA A 393 -4.20 5.24 0.30
N ARG A 394 -3.19 4.42 0.52
CA ARG A 394 -3.34 3.24 1.37
C ARG A 394 -3.49 3.58 2.86
N SER A 395 -2.83 4.63 3.32
CA SER A 395 -2.78 4.93 4.76
C SER A 395 -3.90 5.88 5.22
N SER A 396 -4.57 6.50 4.27
CA SER A 396 -5.53 7.55 4.55
C SER A 396 -6.78 7.03 5.22
N TYR A 397 -7.50 7.93 5.88
CA TYR A 397 -8.84 7.65 6.39
C TYR A 397 -9.81 7.45 5.22
N LEU A 398 -9.64 8.28 4.19
CA LEU A 398 -10.45 8.24 2.99
C LEU A 398 -9.57 8.43 1.76
N SER A 399 -9.62 7.49 0.83
CA SER A 399 -8.82 7.58 -0.37
C SER A 399 -9.67 8.02 -1.56
N ILE A 400 -9.37 9.20 -2.09
CA ILE A 400 -10.22 9.79 -3.13
C ILE A 400 -9.39 10.04 -4.39
N PHE A 401 -9.96 9.67 -5.53
CA PHE A 401 -9.31 9.89 -6.83
C PHE A 401 -10.19 10.77 -7.71
N LEU A 402 -9.58 11.81 -8.27
CA LEU A 402 -10.30 12.79 -9.05
C LEU A 402 -9.70 12.94 -10.45
N SER A 403 -10.57 13.04 -11.45
CA SER A 403 -10.13 13.08 -12.83
C SER A 403 -11.26 13.52 -13.75
N PRO A 404 -10.91 14.22 -14.85
CA PRO A 404 -11.86 14.35 -15.97
C PRO A 404 -12.22 12.94 -16.44
N SER A 405 -13.45 12.73 -16.90
CA SER A 405 -13.88 11.38 -17.25
C SER A 405 -13.30 10.93 -18.61
N THR A 406 -12.83 11.90 -19.38
CA THR A 406 -12.14 11.63 -20.64
C THR A 406 -10.79 12.32 -20.67
N ALA A 407 -9.91 11.89 -21.57
CA ALA A 407 -8.64 12.58 -21.82
C ALA A 407 -8.47 12.77 -23.32
N LYS A 408 -7.51 13.60 -23.71
CA LYS A 408 -7.20 13.79 -25.14
C LYS A 408 -8.40 14.28 -25.94
N GLY A 409 -9.05 15.34 -25.47
CA GLY A 409 -10.20 15.88 -26.15
C GLY A 409 -11.29 14.87 -26.40
N GLY A 410 -11.46 13.94 -25.48
CA GLY A 410 -12.52 12.95 -25.57
C GLY A 410 -12.15 11.65 -26.27
N LYS A 411 -10.95 11.60 -26.84
CA LYS A 411 -10.51 10.43 -27.60
C LYS A 411 -10.16 9.25 -26.69
N ILE A 412 -10.01 9.54 -25.42
CA ILE A 412 -9.73 8.52 -24.42
C ILE A 412 -10.72 8.61 -23.26
N SER A 413 -11.21 7.45 -22.81
CA SER A 413 -12.05 7.39 -21.63
C SER A 413 -11.19 7.12 -20.41
N ALA A 414 -11.42 7.85 -19.31
CA ALA A 414 -10.65 7.65 -18.09
C ALA A 414 -11.16 6.45 -17.32
N ILE A 415 -12.33 5.96 -17.69
CA ILE A 415 -12.88 4.73 -17.13
C ILE A 415 -12.82 3.65 -18.20
N VAL A 416 -12.08 2.58 -17.92
CA VAL A 416 -11.81 1.55 -18.91
C VAL A 416 -12.19 0.15 -18.38
N PRO A 417 -12.34 -0.82 -19.29
CA PRO A 417 -12.69 -2.19 -18.84
C PRO A 417 -11.65 -2.73 -17.87
N MET A 418 -10.40 -2.52 -18.21
CA MET A 418 -9.28 -2.94 -17.38
C MET A 418 -8.20 -1.89 -17.51
N ALA A 419 -7.59 -1.52 -16.39
CA ALA A 419 -6.53 -0.54 -16.42
C ALA A 419 -5.31 -1.19 -17.07
N ALA A 420 -4.63 -0.46 -17.93
CA ALA A 420 -3.52 -1.05 -18.65
C ALA A 420 -2.28 -1.29 -17.75
N HIS A 421 -2.19 -0.51 -16.68
CA HIS A 421 -1.21 -0.71 -15.61
C HIS A 421 -1.88 -0.32 -14.29
N VAL A 422 -1.52 -0.97 -13.18
CA VAL A 422 -2.14 -0.66 -11.88
C VAL A 422 -1.18 -0.07 -10.87
N ASP A 423 -1.58 1.06 -10.30
CA ASP A 423 -0.79 1.69 -9.25
C ASP A 423 -1.48 1.50 -7.91
N HIS A 424 -2.79 1.65 -7.90
CA HIS A 424 -3.58 1.54 -6.68
C HIS A 424 -4.69 0.53 -6.85
N ILE A 425 -4.63 -0.52 -6.05
CA ILE A 425 -5.60 -1.60 -6.13
C ILE A 425 -6.93 -1.13 -5.55
N MET A 426 -8.00 -1.87 -5.84
CA MET A 426 -9.34 -1.51 -5.36
C MET A 426 -9.33 -1.13 -3.88
N GLN A 427 -8.61 -1.92 -3.08
CA GLN A 427 -8.56 -1.73 -1.63
C GLN A 427 -8.04 -0.34 -1.22
N ASP A 428 -7.33 0.33 -2.13
CA ASP A 428 -6.73 1.62 -1.83
C ASP A 428 -7.49 2.80 -2.45
N ALA A 429 -8.72 2.55 -2.90
CA ALA A 429 -9.53 3.59 -3.54
C ALA A 429 -10.99 3.46 -3.13
N GLN A 430 -11.51 4.44 -2.39
CA GLN A 430 -12.91 4.41 -1.93
C GLN A 430 -13.84 5.38 -2.66
N ILE A 431 -13.30 6.52 -3.11
CA ILE A 431 -14.13 7.52 -3.76
C ILE A 431 -13.53 7.95 -5.08
N PHE A 432 -14.37 7.98 -6.12
CA PHE A 432 -13.98 8.49 -7.43
C PHE A 432 -14.86 9.66 -7.81
N VAL A 433 -14.25 10.71 -8.32
CA VAL A 433 -15.01 11.87 -8.74
C VAL A 433 -14.61 12.25 -10.16
N THR A 434 -15.58 12.35 -11.06
CA THR A 434 -15.34 13.00 -12.34
C THR A 434 -16.34 14.14 -12.52
N GLU A 435 -16.29 14.81 -13.67
CA GLU A 435 -17.22 15.90 -13.92
C GLU A 435 -18.64 15.35 -14.14
N GLN A 436 -18.75 14.03 -14.21
CA GLN A 436 -20.03 13.33 -14.36
C GLN A 436 -20.71 13.01 -13.03
N GLY A 437 -19.93 12.96 -11.96
CA GLY A 437 -20.49 12.66 -10.66
C GLY A 437 -19.52 11.93 -9.77
N LEU A 438 -19.98 11.52 -8.60
CA LEU A 438 -19.13 10.90 -7.60
C LEU A 438 -19.57 9.46 -7.28
N ALA A 439 -18.61 8.55 -7.25
CA ALA A 439 -18.87 7.17 -6.86
C ALA A 439 -18.34 6.89 -5.45
N ASP A 440 -19.24 6.52 -4.55
CA ASP A 440 -18.84 6.11 -3.18
C ASP A 440 -18.80 4.58 -3.11
N LEU A 441 -17.60 4.02 -2.95
CA LEU A 441 -17.45 2.57 -3.11
C LEU A 441 -17.31 1.83 -1.80
N ARG A 442 -17.40 2.57 -0.69
CA ARG A 442 -17.19 1.99 0.64
C ARG A 442 -18.10 0.78 0.91
N GLY A 443 -17.49 -0.35 1.25
CA GLY A 443 -18.24 -1.54 1.59
C GLY A 443 -18.76 -2.36 0.41
N LEU A 444 -18.39 -1.99 -0.81
CA LEU A 444 -18.92 -2.64 -2.02
C LEU A 444 -18.00 -3.72 -2.59
N SER A 445 -18.61 -4.77 -3.13
CA SER A 445 -17.87 -5.80 -3.88
C SER A 445 -17.49 -5.24 -5.26
N PRO A 446 -16.54 -5.88 -5.94
CA PRO A 446 -16.14 -5.40 -7.26
C PRO A 446 -17.31 -5.17 -8.22
N VAL A 447 -18.21 -6.14 -8.34
CA VAL A 447 -19.38 -5.98 -9.18
C VAL A 447 -20.18 -4.72 -8.77
N GLN A 448 -20.34 -4.52 -7.47
CA GLN A 448 -21.03 -3.33 -6.96
C GLN A 448 -20.27 -2.03 -7.20
N ARG A 449 -18.93 -2.09 -7.13
CA ARG A 449 -18.10 -0.92 -7.44
C ARG A 449 -18.28 -0.54 -8.91
N ALA A 450 -18.29 -1.56 -9.77
CA ALA A 450 -18.50 -1.36 -11.22
C ALA A 450 -19.82 -0.65 -11.51
N ARG A 451 -20.90 -1.12 -10.89
CA ARG A 451 -22.20 -0.46 -11.06
C ARG A 451 -22.12 1.03 -10.74
N GLU A 452 -21.49 1.36 -9.61
CA GLU A 452 -21.30 2.76 -9.20
C GLU A 452 -20.39 3.59 -10.11
N ILE A 453 -19.23 3.05 -10.45
CA ILE A 453 -18.30 3.78 -11.28
C ILE A 453 -18.90 4.03 -12.66
N ILE A 454 -19.53 3.01 -13.24
CA ILE A 454 -20.05 3.12 -14.58
C ILE A 454 -21.16 4.18 -14.65
N SER A 455 -22.08 4.13 -13.71
CA SER A 455 -23.23 5.01 -13.74
C SER A 455 -22.94 6.43 -13.25
N LYS A 456 -22.04 6.55 -12.29
CA LYS A 456 -21.76 7.86 -11.70
C LYS A 456 -20.62 8.63 -12.37
N CYS A 457 -19.56 7.91 -12.77
CA CYS A 457 -18.32 8.59 -13.20
C CYS A 457 -18.04 8.61 -14.70
N ALA A 458 -18.49 7.58 -15.41
CA ALA A 458 -18.11 7.45 -16.81
C ALA A 458 -18.79 8.50 -17.68
N HIS A 459 -18.13 8.87 -18.78
CA HIS A 459 -18.68 9.81 -19.74
C HIS A 459 -19.77 9.14 -20.57
N PRO A 460 -20.85 9.87 -20.87
CA PRO A 460 -21.98 9.32 -21.64
C PRO A 460 -21.55 8.68 -22.95
N ASP A 461 -20.48 9.17 -23.56
CA ASP A 461 -19.93 8.58 -24.79
C ASP A 461 -19.40 7.16 -24.59
N TYR A 462 -18.98 6.84 -23.37
CA TYR A 462 -18.31 5.57 -23.13
C TYR A 462 -19.11 4.65 -22.22
N ARG A 463 -20.06 5.19 -21.46
CA ARG A 463 -20.84 4.40 -20.51
C ARG A 463 -21.50 3.16 -21.13
N PRO A 464 -22.26 3.35 -22.22
CA PRO A 464 -22.88 2.17 -22.84
C PRO A 464 -21.86 1.09 -23.21
N MET A 465 -20.69 1.50 -23.68
CA MET A 465 -19.64 0.54 -24.02
C MET A 465 -19.13 -0.19 -22.80
N LEU A 466 -19.01 0.55 -21.70
CA LEU A 466 -18.53 -0.03 -20.44
C LEU A 466 -19.57 -1.00 -19.89
N GLN A 467 -20.84 -0.60 -19.95
CA GLN A 467 -21.93 -1.45 -19.46
C GLN A 467 -21.99 -2.72 -20.27
N ASP A 468 -21.82 -2.59 -21.58
CA ASP A 468 -21.85 -3.74 -22.46
C ASP A 468 -20.70 -4.71 -22.15
N TYR A 469 -19.50 -4.17 -21.95
CA TYR A 469 -18.37 -5.01 -21.56
C TYR A 469 -18.68 -5.72 -20.24
N PHE A 470 -19.20 -4.95 -19.27
CA PHE A 470 -19.50 -5.53 -17.97
C PHE A 470 -20.57 -6.63 -18.06
N ASP A 471 -21.63 -6.36 -18.80
CA ASP A 471 -22.72 -7.32 -18.92
C ASP A 471 -22.29 -8.63 -19.54
N ARG A 472 -21.53 -8.55 -20.64
CA ARG A 472 -21.06 -9.75 -21.31
C ARG A 472 -20.02 -10.48 -20.47
N ALA A 473 -19.21 -9.73 -19.71
CA ALA A 473 -18.22 -10.32 -18.83
C ALA A 473 -18.92 -11.12 -17.74
N LEU A 474 -19.99 -10.55 -17.19
CA LEU A 474 -20.79 -11.24 -16.17
C LEU A 474 -21.32 -12.57 -16.70
N LYS A 475 -21.65 -12.60 -17.98
CA LYS A 475 -22.20 -13.82 -18.57
C LYS A 475 -21.10 -14.83 -18.92
N ASN A 476 -19.90 -14.35 -19.22
CA ASN A 476 -18.89 -15.23 -19.80
C ASN A 476 -17.57 -15.38 -19.06
N SER A 477 -17.28 -14.49 -18.13
CA SER A 477 -15.99 -14.50 -17.46
C SER A 477 -15.67 -15.85 -16.80
N PHE A 478 -14.38 -16.20 -16.77
CA PHE A 478 -13.93 -17.44 -16.11
C PHE A 478 -14.50 -17.55 -14.67
N GLY A 479 -14.42 -16.47 -13.92
CA GLY A 479 -15.08 -16.39 -12.62
C GLY A 479 -15.99 -15.17 -12.60
N LYS A 480 -16.93 -15.13 -11.68
CA LYS A 480 -17.89 -14.04 -11.62
C LYS A 480 -17.63 -13.04 -10.50
N HIS A 481 -16.54 -13.23 -9.75
CA HIS A 481 -16.25 -12.32 -8.65
C HIS A 481 -15.71 -10.99 -9.17
N THR A 482 -14.82 -11.06 -10.16
CA THR A 482 -14.35 -9.86 -10.84
C THR A 482 -14.38 -10.07 -12.35
N PRO A 483 -15.60 -10.05 -12.93
CA PRO A 483 -15.83 -10.45 -14.33
C PRO A 483 -14.93 -9.74 -15.32
N HIS A 484 -14.24 -10.50 -16.16
CA HIS A 484 -13.48 -9.93 -17.26
C HIS A 484 -13.61 -10.74 -18.54
N LEU A 485 -13.46 -10.07 -19.67
CA LEU A 485 -13.33 -10.75 -20.96
C LEU A 485 -11.91 -10.54 -21.43
N LEU A 486 -11.03 -11.50 -21.19
CA LEU A 486 -9.60 -11.29 -21.44
C LEU A 486 -9.29 -10.98 -22.89
N THR A 487 -10.15 -11.44 -23.79
CA THR A 487 -9.98 -11.18 -25.21
C THR A 487 -10.15 -9.70 -25.57
N GLU A 488 -10.89 -8.96 -24.77
CA GLU A 488 -11.08 -7.55 -25.09
C GLU A 488 -10.77 -6.56 -23.97
N ALA A 489 -10.30 -7.06 -22.83
CA ALA A 489 -10.03 -6.23 -21.67
C ALA A 489 -9.09 -5.04 -21.99
N LEU A 490 -8.09 -5.28 -22.81
CA LEU A 490 -7.11 -4.25 -23.13
C LEU A 490 -7.31 -3.67 -24.54
N SER A 491 -8.47 -3.94 -25.13
CA SER A 491 -8.71 -3.61 -26.54
C SER A 491 -9.01 -2.13 -26.79
N TRP A 492 -9.54 -1.41 -25.80
CA TRP A 492 -9.77 0.02 -25.99
C TRP A 492 -8.42 0.69 -26.11
N HIS A 493 -7.47 0.25 -25.28
CA HIS A 493 -6.12 0.79 -25.32
C HIS A 493 -5.46 0.49 -26.67
N GLN A 494 -5.59 -0.76 -27.12
CA GLN A 494 -5.00 -1.12 -28.41
C GLN A 494 -5.70 -0.36 -29.53
N ARG A 495 -7.02 -0.20 -29.41
CA ARG A 495 -7.74 0.62 -30.36
C ARG A 495 -7.18 2.05 -30.41
N PHE A 496 -6.92 2.65 -29.24
CA PHE A 496 -6.31 3.98 -29.25
C PHE A 496 -4.95 3.99 -29.95
N ILE A 497 -4.14 2.98 -29.68
CA ILE A 497 -2.85 2.86 -30.33
C ILE A 497 -3.02 2.76 -31.85
N ASP A 498 -3.96 1.94 -32.28
CA ASP A 498 -4.16 1.70 -33.71
C ASP A 498 -4.84 2.87 -34.44
N THR A 499 -5.70 3.62 -33.75
CA THR A 499 -6.57 4.58 -34.45
C THR A 499 -6.60 6.00 -33.87
N GLY A 500 -5.92 6.21 -32.76
CA GLY A 500 -5.94 7.51 -32.11
C GLY A 500 -7.21 7.84 -31.33
N THR A 501 -8.12 6.89 -31.22
CA THR A 501 -9.29 7.11 -30.40
C THR A 501 -9.84 5.80 -29.86
N MET A 502 -10.53 5.88 -28.73
CA MET A 502 -11.11 4.70 -28.08
C MET A 502 -12.56 4.51 -28.53
N LEU A 503 -13.08 5.49 -29.26
CA LEU A 503 -14.43 5.42 -29.81
C LEU A 503 -14.46 4.49 -31.01
N PRO A 504 -15.43 3.58 -31.04
CA PRO A 504 -15.48 2.64 -32.15
C PRO A 504 -15.84 3.35 -33.44
N SER A 505 -15.48 2.73 -34.56
CA SER A 505 -15.98 3.13 -35.87
C SER A 505 -17.31 2.40 -36.11
N SER A 506 -18.34 3.09 -36.58
CA SER A 506 -19.58 2.37 -36.89
C SER A 506 -19.46 1.50 -38.16
N LEU A 507 -18.30 1.56 -38.81
CA LEU A 507 -17.97 0.65 -39.90
C LEU A 507 -17.81 -0.80 -39.42
N GLU A 508 -17.78 -1.00 -38.09
CA GLU A 508 -17.65 -2.33 -37.51
C GLU A 508 -18.76 -2.59 -36.51
N HIS A 509 -19.03 -3.87 -36.24
CA HIS A 509 -19.97 -4.22 -35.19
C HIS A 509 -19.38 -3.94 -33.81
N HIS A 510 -20.23 -3.39 -32.94
CA HIS A 510 -19.94 -3.20 -31.53
C HIS A 510 -21.20 -3.53 -30.74
N HIS A 511 -21.05 -4.31 -29.66
CA HIS A 511 -22.23 -4.87 -28.99
C HIS A 511 -23.16 -3.80 -28.40
N HIS A 512 -22.58 -2.66 -28.02
CA HIS A 512 -23.32 -1.58 -27.36
C HIS A 512 -24.18 -0.79 -28.35
N HIS A 513 -23.91 -0.94 -29.65
CA HIS A 513 -24.67 -0.25 -30.68
C HIS A 513 -26.02 -0.89 -30.91
N HIS A 514 -26.31 -1.97 -30.16
CA HIS A 514 -27.51 -2.76 -30.42
C HIS A 514 -28.35 -3.04 -29.16
N THR B 2 -14.44 -27.64 35.81
CA THR B 2 -14.06 -26.23 36.01
C THR B 2 -14.94 -25.27 35.21
N GLU B 3 -15.85 -24.61 35.92
CA GLU B 3 -16.78 -23.66 35.33
C GLU B 3 -16.06 -22.60 34.49
N ARG B 4 -16.49 -22.44 33.23
CA ARG B 4 -15.86 -21.48 32.32
C ARG B 4 -16.45 -20.09 32.48
N ILE B 5 -17.72 -20.00 32.89
CA ILE B 5 -18.30 -18.70 33.18
C ILE B 5 -18.16 -18.37 34.68
N ARG B 6 -17.15 -17.57 35.02
CA ARG B 6 -16.79 -17.29 36.41
C ARG B 6 -17.50 -16.06 36.98
N ASN B 7 -18.02 -15.21 36.11
CA ASN B 7 -19.00 -14.23 36.54
C ASN B 7 -20.34 -14.90 36.75
N VAL B 8 -20.81 -14.94 37.99
CA VAL B 8 -22.04 -15.65 38.33
C VAL B 8 -23.27 -15.05 37.64
N ALA B 9 -23.42 -13.74 37.70
CA ALA B 9 -24.58 -13.07 37.11
C ALA B 9 -24.77 -13.38 35.62
N LEU B 10 -23.67 -13.49 34.89
CA LEU B 10 -23.77 -13.71 33.45
C LEU B 10 -24.31 -15.10 33.09
N ARG B 11 -24.20 -16.05 34.03
CA ARG B 11 -24.75 -17.40 33.84
C ARG B 11 -26.26 -17.37 33.54
N SER B 12 -26.93 -16.31 33.98
CA SER B 12 -28.36 -16.15 33.74
C SER B 12 -28.69 -15.93 32.26
N LYS B 13 -27.66 -15.60 31.47
CA LYS B 13 -27.87 -15.29 30.06
C LYS B 13 -27.58 -16.48 29.14
N VAL B 14 -27.19 -17.60 29.73
CA VAL B 14 -27.00 -18.83 28.98
C VAL B 14 -28.33 -19.29 28.36
N CYS B 15 -28.29 -19.58 27.06
CA CYS B 15 -29.45 -20.16 26.38
C CYS B 15 -29.00 -21.07 25.26
N PRO B 16 -29.95 -21.71 24.56
CA PRO B 16 -29.56 -22.59 23.46
C PRO B 16 -29.17 -21.82 22.20
N ALA B 17 -28.29 -22.43 21.39
CA ALA B 17 -27.86 -21.84 20.12
C ALA B 17 -29.03 -21.42 19.25
N GLU B 18 -30.00 -22.30 19.09
CA GLU B 18 -31.18 -22.01 18.26
C GLU B 18 -31.85 -20.70 18.71
N THR B 19 -32.06 -20.57 20.01
CA THR B 19 -32.65 -19.36 20.58
C THR B 19 -31.76 -18.14 20.37
N ALA B 20 -30.46 -18.30 20.61
CA ALA B 20 -29.53 -17.22 20.34
C ALA B 20 -29.61 -16.79 18.87
N SER B 21 -29.69 -17.75 17.95
CA SER B 21 -29.70 -17.42 16.52
C SER B 21 -30.86 -16.52 16.12
N GLU B 22 -31.96 -16.61 16.89
CA GLU B 22 -33.16 -15.80 16.63
C GLU B 22 -32.93 -14.30 16.84
N LEU B 23 -31.85 -13.93 17.53
CA LEU B 23 -31.53 -12.52 17.72
C LEU B 23 -30.98 -11.92 16.43
N ILE B 24 -30.52 -12.79 15.52
CA ILE B 24 -30.01 -12.33 14.23
C ILE B 24 -31.15 -12.22 13.21
N LYS B 25 -31.38 -11.00 12.72
CA LYS B 25 -32.46 -10.73 11.79
C LYS B 25 -31.96 -10.66 10.36
N HIS B 26 -32.85 -10.90 9.41
CA HIS B 26 -32.52 -10.71 8.01
C HIS B 26 -32.01 -9.29 7.81
N GLY B 27 -30.94 -9.15 7.02
CA GLY B 27 -30.36 -7.84 6.76
C GLY B 27 -29.30 -7.41 7.76
N ASP B 28 -29.15 -8.17 8.84
CA ASP B 28 -28.21 -7.79 9.90
C ASP B 28 -26.76 -7.84 9.45
N VAL B 29 -25.98 -6.89 9.95
CA VAL B 29 -24.53 -6.93 9.83
C VAL B 29 -24.01 -7.62 11.08
N VAL B 30 -23.22 -8.67 10.87
CA VAL B 30 -22.73 -9.52 11.95
C VAL B 30 -21.21 -9.59 11.96
N GLY B 31 -20.59 -9.17 13.06
CA GLY B 31 -19.16 -9.29 13.24
C GLY B 31 -18.84 -10.49 14.11
N THR B 32 -17.94 -11.36 13.64
CA THR B 32 -17.59 -12.55 14.40
C THR B 32 -16.08 -12.68 14.65
N SER B 33 -15.74 -13.45 15.67
CA SER B 33 -14.37 -13.91 15.84
C SER B 33 -14.11 -14.90 14.72
N GLY B 34 -12.84 -15.27 14.54
CA GLY B 34 -12.46 -16.21 13.52
C GLY B 34 -11.34 -15.68 12.66
N PHE B 35 -10.23 -16.43 12.62
CA PHE B 35 -9.06 -16.05 11.85
C PHE B 35 -8.30 -17.34 11.51
N THR B 36 -7.98 -17.52 10.24
CA THR B 36 -7.33 -18.75 9.77
C THR B 36 -7.89 -20.03 10.40
N GLY B 37 -9.21 -20.20 10.33
CA GLY B 37 -9.85 -21.39 10.85
C GLY B 37 -9.70 -21.57 12.34
N ALA B 38 -9.49 -20.47 13.07
CA ALA B 38 -9.33 -20.57 14.53
C ALA B 38 -10.14 -19.52 15.28
N GLY B 39 -10.99 -20.00 16.19
CA GLY B 39 -11.67 -19.12 17.12
C GLY B 39 -12.95 -18.52 16.61
N TYR B 40 -13.48 -19.10 15.53
CA TYR B 40 -14.76 -18.67 14.98
C TYR B 40 -15.92 -19.33 15.72
N PRO B 41 -17.06 -18.63 15.79
CA PRO B 41 -18.28 -19.18 16.41
C PRO B 41 -18.79 -20.36 15.61
N LYS B 42 -19.32 -21.39 16.30
CA LYS B 42 -19.62 -22.67 15.67
C LYS B 42 -21.09 -23.10 15.76
N GLU B 43 -21.65 -23.16 16.95
CA GLU B 43 -23.02 -23.66 17.09
C GLU B 43 -24.11 -22.70 16.60
N VAL B 44 -23.97 -21.42 16.92
CA VAL B 44 -25.00 -20.44 16.55
C VAL B 44 -25.13 -20.29 15.03
N PRO B 45 -23.98 -20.23 14.32
CA PRO B 45 -24.05 -20.17 12.85
C PRO B 45 -24.77 -21.39 12.25
N LYS B 46 -24.50 -22.57 12.77
CA LYS B 46 -25.22 -23.76 12.31
C LYS B 46 -26.73 -23.61 12.49
N ALA B 47 -27.14 -23.18 13.68
CA ALA B 47 -28.58 -23.00 13.93
C ALA B 47 -29.18 -21.90 13.05
N LEU B 48 -28.41 -20.84 12.83
CA LEU B 48 -28.87 -19.76 11.94
C LEU B 48 -29.07 -20.29 10.51
N ALA B 49 -28.18 -21.19 10.09
CA ALA B 49 -28.22 -21.69 8.72
C ALA B 49 -29.49 -22.51 8.47
N GLN B 50 -29.82 -23.39 9.42
CA GLN B 50 -30.98 -24.27 9.32
C GLN B 50 -32.28 -23.45 9.30
N ARG B 51 -32.34 -22.40 10.11
CA ARG B 51 -33.51 -21.52 10.13
C ARG B 51 -33.61 -20.68 8.86
N MET B 52 -32.46 -20.41 8.25
CA MET B 52 -32.41 -19.66 6.99
C MET B 52 -33.02 -20.47 5.84
N GLU B 53 -32.65 -21.75 5.77
CA GLU B 53 -33.20 -22.61 4.72
C GLU B 53 -34.69 -22.69 4.86
N ALA B 54 -35.15 -22.96 6.09
CA ALA B 54 -36.58 -23.06 6.35
C ALA B 54 -37.31 -21.79 5.90
N ALA B 55 -36.72 -20.64 6.22
CA ALA B 55 -37.34 -19.36 5.86
C ALA B 55 -37.43 -19.20 4.34
N HIS B 56 -36.36 -19.55 3.65
CA HIS B 56 -36.30 -19.47 2.18
C HIS B 56 -37.39 -20.35 1.54
N ASP B 57 -37.53 -21.57 2.06
CA ASP B 57 -38.53 -22.50 1.54
C ASP B 57 -39.94 -21.94 1.68
N ARG B 58 -40.19 -21.18 2.74
CA ARG B 58 -41.46 -20.49 2.91
C ARG B 58 -41.43 -19.18 2.13
N GLY B 59 -40.42 -19.03 1.28
CA GLY B 59 -40.30 -17.83 0.47
C GLY B 59 -40.02 -16.60 1.31
N GLU B 60 -39.31 -16.81 2.42
CA GLU B 60 -38.87 -15.69 3.26
C GLU B 60 -37.39 -15.40 3.07
N LYS B 61 -37.05 -14.15 2.82
CA LYS B 61 -35.66 -13.77 2.73
C LYS B 61 -35.02 -13.86 4.11
N TYR B 62 -33.80 -14.38 4.16
CA TYR B 62 -33.07 -14.47 5.40
C TYR B 62 -31.59 -14.54 5.05
N GLN B 63 -30.95 -13.38 4.97
CA GLN B 63 -29.52 -13.30 4.73
C GLN B 63 -28.85 -12.30 5.66
N ILE B 64 -27.57 -12.53 5.93
CA ILE B 64 -26.79 -11.57 6.70
C ILE B 64 -25.58 -11.06 5.93
N SER B 65 -25.05 -9.93 6.38
CA SER B 65 -23.72 -9.50 6.03
C SER B 65 -22.78 -10.06 7.11
N LEU B 66 -21.73 -10.75 6.68
CA LEU B 66 -20.83 -11.47 7.59
C LEU B 66 -19.41 -10.89 7.50
N ILE B 67 -18.96 -10.30 8.60
CA ILE B 67 -17.65 -9.64 8.68
C ILE B 67 -16.85 -10.36 9.76
N THR B 68 -15.64 -10.80 9.43
CA THR B 68 -14.89 -11.66 10.32
C THR B 68 -13.51 -11.08 10.65
N GLY B 69 -12.68 -11.85 11.34
CA GLY B 69 -11.26 -11.55 11.40
C GLY B 69 -10.63 -11.88 10.06
N ALA B 70 -10.59 -13.16 9.74
CA ALA B 70 -10.27 -13.61 8.40
C ALA B 70 -11.06 -14.88 8.14
N SER B 71 -10.40 -15.92 7.68
CA SER B 71 -11.12 -17.14 7.28
C SER B 71 -11.71 -17.84 8.49
N THR B 72 -12.81 -18.56 8.28
CA THR B 72 -13.42 -19.30 9.39
C THR B 72 -13.32 -20.81 9.20
N GLY B 73 -14.46 -21.49 9.20
CA GLY B 73 -14.46 -22.94 9.03
C GLY B 73 -15.79 -23.43 8.49
N PRO B 74 -15.93 -24.75 8.31
CA PRO B 74 -17.17 -25.31 7.78
C PRO B 74 -18.42 -24.93 8.59
N GLN B 75 -18.30 -24.86 9.91
CA GLN B 75 -19.48 -24.56 10.73
C GLN B 75 -20.05 -23.16 10.44
N LEU B 76 -19.20 -22.26 9.93
CA LEU B 76 -19.61 -20.88 9.74
C LEU B 76 -19.75 -20.52 8.27
N ASP B 77 -18.64 -20.25 7.61
CA ASP B 77 -18.66 -20.02 6.16
C ASP B 77 -19.33 -21.17 5.43
N GLY B 78 -18.93 -22.40 5.74
CA GLY B 78 -19.51 -23.59 5.13
C GLY B 78 -21.04 -23.65 5.25
N GLU B 79 -21.53 -23.74 6.47
CA GLU B 79 -22.96 -23.88 6.72
C GLU B 79 -23.78 -22.70 6.19
N LEU B 80 -23.31 -21.48 6.42
CA LEU B 80 -24.06 -20.32 5.94
C LEU B 80 -24.08 -20.21 4.41
N ALA B 81 -23.00 -20.63 3.76
CA ALA B 81 -23.00 -20.61 2.28
C ALA B 81 -23.92 -21.69 1.71
N LYS B 82 -23.87 -22.89 2.31
CA LYS B 82 -24.76 -23.96 1.89
C LYS B 82 -26.20 -23.50 1.95
N ALA B 83 -26.51 -22.66 2.93
CA ALA B 83 -27.89 -22.18 3.14
C ALA B 83 -28.18 -20.93 2.33
N ASN B 84 -27.19 -20.45 1.61
CA ASN B 84 -27.37 -19.25 0.80
C ASN B 84 -27.81 -18.09 1.69
N GLY B 85 -27.18 -18.01 2.85
CA GLY B 85 -27.59 -17.05 3.87
C GLY B 85 -26.72 -15.82 4.03
N VAL B 86 -25.76 -15.61 3.14
CA VAL B 86 -24.85 -14.47 3.26
C VAL B 86 -24.90 -13.58 2.02
N TYR B 87 -25.39 -12.36 2.17
CA TYR B 87 -25.46 -11.47 1.01
C TYR B 87 -24.18 -10.69 0.78
N PHE B 88 -23.36 -10.55 1.83
CA PHE B 88 -22.07 -9.86 1.73
C PHE B 88 -21.09 -10.44 2.73
N ARG B 89 -19.84 -10.55 2.30
CA ARG B 89 -18.80 -11.19 3.09
C ARG B 89 -17.51 -10.38 2.99
N SER B 90 -16.79 -10.29 4.09
CA SER B 90 -15.54 -9.56 4.15
C SER B 90 -14.85 -9.97 5.45
N PRO B 91 -13.50 -10.00 5.48
CA PRO B 91 -12.57 -9.64 4.40
C PRO B 91 -11.80 -10.84 3.81
N PHE B 92 -12.00 -12.05 4.33
CA PHE B 92 -11.16 -13.17 3.93
C PHE B 92 -11.86 -14.50 4.19
N ASN B 93 -11.91 -15.33 3.16
CA ASN B 93 -12.56 -16.64 3.24
C ASN B 93 -11.69 -17.75 2.64
N THR B 94 -11.75 -18.95 3.21
CA THR B 94 -11.10 -20.09 2.57
C THR B 94 -12.06 -21.28 2.37
N ASP B 95 -13.32 -21.12 2.73
CA ASP B 95 -14.29 -22.20 2.57
C ASP B 95 -14.72 -22.35 1.11
N ALA B 96 -14.68 -23.58 0.60
CA ALA B 96 -14.99 -23.85 -0.80
C ALA B 96 -16.42 -23.46 -1.20
N THR B 97 -17.39 -23.79 -0.36
CA THR B 97 -18.78 -23.46 -0.67
C THR B 97 -18.96 -21.96 -0.75
N MET B 98 -18.41 -21.26 0.24
CA MET B 98 -18.47 -19.80 0.25
C MET B 98 -17.73 -19.24 -0.98
N ARG B 99 -16.62 -19.88 -1.34
CA ARG B 99 -15.88 -19.45 -2.53
C ARG B 99 -16.76 -19.54 -3.76
N ASN B 100 -17.51 -20.65 -3.88
CA ASN B 100 -18.45 -20.79 -4.99
C ASN B 100 -19.57 -19.76 -5.01
N ARG B 101 -20.16 -19.48 -3.84
CA ARG B 101 -21.18 -18.42 -3.76
C ARG B 101 -20.60 -17.12 -4.28
N ILE B 102 -19.38 -16.82 -3.86
CA ILE B 102 -18.69 -15.59 -4.27
C ILE B 102 -18.41 -15.58 -5.79
N ASN B 103 -17.85 -16.67 -6.30
CA ASN B 103 -17.51 -16.76 -7.71
C ASN B 103 -18.71 -16.93 -8.64
N ALA B 104 -19.87 -17.21 -8.06
CA ALA B 104 -21.11 -17.24 -8.82
C ALA B 104 -21.89 -15.91 -8.72
N GLY B 105 -21.42 -15.01 -7.86
CA GLY B 105 -22.08 -13.72 -7.71
C GLY B 105 -23.27 -13.80 -6.78
N GLU B 106 -23.34 -14.88 -6.03
CA GLU B 106 -24.43 -15.09 -5.08
C GLU B 106 -24.13 -14.44 -3.73
N THR B 107 -22.86 -14.27 -3.41
CA THR B 107 -22.46 -13.49 -2.25
C THR B 107 -21.50 -12.38 -2.65
N GLU B 108 -21.85 -11.14 -2.35
CA GLU B 108 -20.96 -10.02 -2.57
C GLU B 108 -19.76 -10.10 -1.61
N TYR B 109 -18.56 -9.89 -2.14
CA TYR B 109 -17.35 -10.07 -1.37
C TYR B 109 -16.37 -8.94 -1.62
N PHE B 110 -15.75 -8.46 -0.55
CA PHE B 110 -14.63 -7.54 -0.72
C PHE B 110 -13.56 -7.83 0.32
N ASP B 111 -12.37 -8.17 -0.18
CA ASP B 111 -11.25 -8.54 0.66
C ASP B 111 -10.36 -7.34 1.04
N ASN B 112 -10.76 -6.63 2.10
CA ASN B 112 -10.00 -5.50 2.60
C ASN B 112 -8.66 -5.99 3.18
N HIS B 113 -7.67 -5.11 3.21
CA HIS B 113 -6.43 -5.40 3.94
C HIS B 113 -6.80 -5.77 5.37
N LEU B 114 -6.33 -6.91 5.84
CA LEU B 114 -6.71 -7.38 7.19
C LEU B 114 -6.48 -6.33 8.28
N GLY B 115 -5.36 -5.63 8.23
CA GLY B 115 -5.05 -4.63 9.24
C GLY B 115 -5.99 -3.44 9.24
N GLN B 116 -6.76 -3.28 8.16
CA GLN B 116 -7.60 -2.10 7.97
C GLN B 116 -9.07 -2.33 8.33
N VAL B 117 -9.43 -3.59 8.55
CA VAL B 117 -10.85 -3.97 8.68
C VAL B 117 -11.52 -3.28 9.86
N ALA B 118 -10.90 -3.39 11.02
CA ALA B 118 -11.38 -2.71 12.21
C ALA B 118 -11.66 -1.22 11.96
N GLY B 119 -10.69 -0.51 11.38
CA GLY B 119 -10.84 0.91 11.15
C GLY B 119 -11.99 1.23 10.21
N ARG B 120 -12.14 0.44 9.16
CA ARG B 120 -13.23 0.63 8.21
C ARG B 120 -14.60 0.31 8.82
N ALA B 121 -14.62 -0.66 9.73
CA ALA B 121 -15.84 -1.06 10.40
C ALA B 121 -16.30 0.08 11.32
N VAL B 122 -15.36 0.62 12.08
CA VAL B 122 -15.62 1.79 12.93
C VAL B 122 -16.02 3.02 12.09
N GLN B 123 -15.41 3.18 10.92
CA GLN B 123 -15.75 4.30 10.03
C GLN B 123 -17.16 4.13 9.54
N GLY B 124 -17.61 2.88 9.46
CA GLY B 124 -18.98 2.60 9.08
C GLY B 124 -19.15 2.04 7.68
N ASN B 125 -18.07 1.58 7.06
CA ASN B 125 -18.12 1.05 5.70
C ASN B 125 -19.00 -0.18 5.54
N TYR B 126 -19.07 -1.01 6.57
CA TYR B 126 -19.89 -2.21 6.50
C TYR B 126 -21.32 -1.94 6.93
N GLY B 127 -21.61 -0.69 7.30
CA GLY B 127 -22.88 -0.37 7.92
C GLY B 127 -22.84 -0.51 9.44
N LYS B 128 -23.99 -0.39 10.07
CA LYS B 128 -24.07 -0.53 11.52
C LYS B 128 -24.04 -2.01 11.90
N PHE B 129 -23.27 -2.34 12.94
CA PHE B 129 -23.15 -3.73 13.35
C PHE B 129 -24.30 -4.12 14.28
N ASN B 130 -25.10 -5.10 13.87
CA ASN B 130 -26.22 -5.53 14.70
C ASN B 130 -25.79 -6.56 15.74
N ILE B 131 -24.95 -7.49 15.31
CA ILE B 131 -24.52 -8.58 16.18
C ILE B 131 -23.01 -8.72 16.20
N ALA B 132 -22.47 -9.02 17.38
CA ALA B 132 -21.12 -9.55 17.52
C ALA B 132 -21.29 -10.97 18.06
N LEU B 133 -20.71 -11.93 17.36
CA LEU B 133 -20.80 -13.31 17.74
C LEU B 133 -19.37 -13.79 17.92
N VAL B 134 -18.96 -13.93 19.18
CA VAL B 134 -17.57 -14.19 19.53
C VAL B 134 -17.40 -15.46 20.36
N GLU B 135 -16.44 -16.29 19.98
CA GLU B 135 -16.13 -17.49 20.75
C GLU B 135 -15.20 -17.13 21.89
N ALA B 136 -15.35 -17.82 23.02
CA ALA B 136 -14.56 -17.52 24.21
C ALA B 136 -14.08 -18.79 24.89
N THR B 137 -12.92 -18.71 25.52
CA THR B 137 -12.41 -19.80 26.35
C THR B 137 -13.14 -19.79 27.69
N ALA B 138 -13.36 -18.58 28.19
CA ALA B 138 -13.95 -18.39 29.49
C ALA B 138 -14.43 -16.94 29.60
N ILE B 139 -15.18 -16.68 30.65
CA ILE B 139 -15.56 -15.33 31.03
C ILE B 139 -15.06 -15.12 32.47
N THR B 140 -14.28 -14.07 32.69
CA THR B 140 -13.66 -13.86 33.99
C THR B 140 -14.65 -13.29 35.00
N GLU B 141 -14.23 -13.30 36.26
CA GLU B 141 -15.05 -12.81 37.37
C GLU B 141 -15.58 -11.40 37.16
N ASP B 142 -14.81 -10.53 36.51
CA ASP B 142 -15.29 -9.18 36.22
C ASP B 142 -15.92 -9.04 34.83
N GLY B 143 -16.26 -10.17 34.22
CA GLY B 143 -16.98 -10.14 32.96
C GLY B 143 -16.12 -9.94 31.72
N GLY B 144 -14.81 -10.08 31.88
CA GLY B 144 -13.90 -10.04 30.75
C GLY B 144 -14.06 -11.27 29.86
N ILE B 145 -14.02 -11.08 28.54
CA ILE B 145 -14.18 -12.20 27.61
C ILE B 145 -12.82 -12.73 27.16
N VAL B 146 -12.45 -13.93 27.62
CA VAL B 146 -11.19 -14.53 27.19
C VAL B 146 -11.36 -15.16 25.79
N PRO B 147 -10.60 -14.67 24.80
CA PRO B 147 -10.78 -15.23 23.44
C PRO B 147 -10.21 -16.64 23.35
N THR B 148 -10.32 -17.26 22.18
CA THR B 148 -9.82 -18.61 22.04
C THR B 148 -8.53 -18.68 21.22
N SER B 149 -8.58 -19.32 20.06
CA SER B 149 -7.34 -19.58 19.31
C SER B 149 -6.98 -18.46 18.33
N SER B 150 -7.72 -17.35 18.39
CA SER B 150 -7.34 -16.15 17.67
C SER B 150 -7.98 -14.94 18.34
N VAL B 151 -7.44 -13.75 18.05
CA VAL B 151 -8.03 -12.50 18.52
C VAL B 151 -8.82 -11.81 17.40
N GLY B 152 -8.18 -11.69 16.23
CA GLY B 152 -8.84 -11.09 15.08
C GLY B 152 -9.34 -9.68 15.34
N ASN B 153 -10.59 -9.43 14.94
CA ASN B 153 -11.25 -8.14 15.09
C ASN B 153 -12.24 -8.12 16.25
N SER B 154 -12.16 -9.12 17.11
CA SER B 154 -13.21 -9.36 18.10
C SER B 154 -13.50 -8.15 19.01
N GLN B 155 -12.46 -7.45 19.42
CA GLN B 155 -12.63 -6.31 20.30
C GLN B 155 -13.38 -5.17 19.59
N THR B 156 -13.09 -4.99 18.31
CA THR B 156 -13.75 -3.92 17.57
C THR B 156 -15.22 -4.31 17.37
N PHE B 157 -15.46 -5.56 17.01
CA PHE B 157 -16.83 -6.03 16.83
C PHE B 157 -17.64 -5.92 18.12
N LEU B 158 -17.01 -6.24 19.24
CA LEU B 158 -17.70 -6.10 20.52
C LEU B 158 -18.04 -4.63 20.79
N ASN B 159 -17.12 -3.73 20.48
CA ASN B 159 -17.37 -2.30 20.65
C ASN B 159 -18.53 -1.81 19.80
N LEU B 160 -18.57 -2.27 18.55
CA LEU B 160 -19.51 -1.74 17.58
C LEU B 160 -20.92 -2.32 17.68
N ALA B 161 -21.05 -3.59 18.05
CA ALA B 161 -22.33 -4.29 17.89
C ALA B 161 -23.41 -3.82 18.90
N GLU B 162 -24.65 -3.79 18.43
CA GLU B 162 -25.76 -3.47 19.31
C GLU B 162 -25.99 -4.60 20.33
N LYS B 163 -25.97 -5.84 19.86
CA LYS B 163 -26.11 -7.00 20.75
C LYS B 163 -24.95 -7.96 20.61
N VAL B 164 -24.60 -8.63 21.70
CA VAL B 164 -23.48 -9.55 21.71
C VAL B 164 -23.90 -10.97 22.09
N ILE B 165 -23.43 -11.95 21.33
CA ILE B 165 -23.63 -13.35 21.65
C ILE B 165 -22.26 -13.98 21.85
N ILE B 166 -22.05 -14.63 22.99
CA ILE B 166 -20.79 -15.30 23.27
C ILE B 166 -20.97 -16.83 23.24
N GLU B 167 -20.12 -17.51 22.48
CA GLU B 167 -20.04 -18.96 22.56
C GLU B 167 -18.87 -19.35 23.45
N VAL B 168 -19.17 -19.97 24.58
CA VAL B 168 -18.12 -20.44 25.48
C VAL B 168 -17.79 -21.89 25.15
N ASN B 169 -16.60 -22.11 24.59
CA ASN B 169 -16.28 -23.42 24.01
C ASN B 169 -15.34 -24.29 24.85
N GLU B 170 -15.89 -25.35 25.44
CA GLU B 170 -15.13 -26.18 26.38
C GLU B 170 -14.06 -26.99 25.67
N TRP B 171 -14.10 -27.01 24.34
CA TRP B 171 -13.10 -27.69 23.53
C TRP B 171 -11.77 -26.96 23.60
N GLN B 172 -11.83 -25.62 23.65
CA GLN B 172 -10.63 -24.79 23.73
C GLN B 172 -9.98 -24.88 25.10
N ASN B 173 -8.65 -25.00 25.10
CA ASN B 173 -7.86 -25.19 26.30
C ASN B 173 -7.98 -23.98 27.24
N PRO B 174 -8.32 -24.22 28.52
CA PRO B 174 -8.44 -23.16 29.52
C PRO B 174 -7.17 -22.33 29.66
N MET B 175 -6.03 -22.95 29.36
CA MET B 175 -4.75 -22.28 29.54
C MET B 175 -4.45 -21.25 28.45
N LEU B 176 -5.32 -21.16 27.46
CA LEU B 176 -5.21 -20.06 26.53
C LEU B 176 -5.29 -18.72 27.26
N GLU B 177 -6.01 -18.70 28.40
CA GLU B 177 -6.14 -17.48 29.20
C GLU B 177 -4.78 -16.95 29.60
N GLY B 178 -4.46 -15.74 29.17
CA GLY B 178 -3.15 -15.15 29.40
C GLY B 178 -2.28 -15.00 28.16
N ILE B 179 -2.63 -15.70 27.09
CA ILE B 179 -1.79 -15.69 25.90
C ILE B 179 -2.05 -14.45 25.05
N HIS B 180 -3.23 -13.88 25.18
CA HIS B 180 -3.63 -12.75 24.34
C HIS B 180 -3.18 -11.42 24.96
N ASP B 181 -3.04 -10.42 24.09
CA ASP B 181 -2.71 -9.07 24.52
C ASP B 181 -3.69 -8.14 23.82
N ILE B 182 -4.65 -7.64 24.57
CA ILE B 182 -5.68 -6.77 24.01
C ILE B 182 -5.43 -5.36 24.52
N TRP B 183 -5.23 -4.43 23.60
CA TRP B 183 -4.92 -3.05 23.95
C TRP B 183 -6.18 -2.20 23.99
N ASP B 184 -6.30 -1.33 24.97
CA ASP B 184 -7.48 -0.46 25.01
C ASP B 184 -7.20 0.89 24.36
N GLY B 185 -5.99 1.03 23.81
CA GLY B 185 -5.66 2.21 23.04
C GLY B 185 -6.47 2.36 21.76
N ASN B 186 -6.44 3.55 21.19
CA ASN B 186 -7.14 3.85 19.95
C ASN B 186 -6.29 3.55 18.72
N VAL B 187 -6.41 2.33 18.22
CA VAL B 187 -5.64 1.88 17.06
C VAL B 187 -6.42 2.16 15.79
N SER B 188 -7.72 1.90 15.86
CA SER B 188 -8.56 1.89 14.67
C SER B 188 -9.78 2.77 14.86
N GLY B 189 -9.75 3.64 15.86
CA GLY B 189 -10.89 4.49 16.16
C GLY B 189 -10.87 5.81 15.41
N VAL B 190 -11.58 6.79 15.95
CA VAL B 190 -11.61 8.13 15.37
C VAL B 190 -10.29 8.86 15.55
N PRO B 191 -9.76 9.45 14.47
CA PRO B 191 -8.49 10.18 14.52
C PRO B 191 -8.62 11.36 15.47
N THR B 192 -7.53 11.82 16.08
CA THR B 192 -6.20 11.25 15.86
C THR B 192 -6.07 9.96 16.68
N ARG B 193 -5.53 8.92 16.04
CA ARG B 193 -5.26 7.66 16.73
C ARG B 193 -4.10 7.78 17.70
N ASP B 194 -3.97 6.79 18.59
CA ASP B 194 -2.85 6.76 19.54
C ASP B 194 -1.64 6.14 18.87
N ILE B 195 -0.47 6.43 19.42
CA ILE B 195 0.75 5.73 19.04
C ILE B 195 0.69 4.39 19.73
N VAL B 196 0.91 3.32 18.96
CA VAL B 196 1.02 1.99 19.52
C VAL B 196 2.50 1.78 19.85
N PRO B 197 2.83 1.75 21.15
CA PRO B 197 4.21 1.81 21.63
C PRO B 197 5.00 0.50 21.50
N ILE B 198 4.61 -0.38 20.58
CA ILE B 198 5.37 -1.60 20.36
C ILE B 198 6.70 -1.30 19.66
N VAL B 199 7.81 -1.57 20.35
CA VAL B 199 9.12 -1.39 19.74
C VAL B 199 9.91 -2.70 19.69
N ARG B 200 9.26 -3.76 20.14
CA ARG B 200 9.85 -5.07 20.11
C ARG B 200 8.72 -6.07 19.93
N ALA B 201 9.01 -7.17 19.26
CA ALA B 201 8.01 -8.18 18.93
C ALA B 201 7.42 -8.90 20.14
N ASP B 202 8.20 -9.04 21.22
CA ASP B 202 7.71 -9.73 22.41
C ASP B 202 7.04 -8.81 23.44
N GLN B 203 6.83 -7.56 23.06
CA GLN B 203 6.25 -6.57 23.97
C GLN B 203 4.72 -6.65 24.12
N ARG B 204 4.26 -6.75 25.36
CA ARG B 204 2.84 -6.71 25.65
C ARG B 204 2.46 -5.31 26.06
N VAL B 205 1.37 -4.78 25.51
CA VAL B 205 0.94 -3.43 25.84
C VAL B 205 -0.44 -3.36 26.51
N GLY B 206 -1.08 -4.51 26.68
CA GLY B 206 -2.44 -4.54 27.18
C GLY B 206 -2.75 -5.69 28.13
N GLY B 207 -3.96 -6.23 28.05
CA GLY B 207 -4.39 -7.27 28.96
C GLY B 207 -4.89 -8.54 28.27
N PRO B 208 -5.29 -9.53 29.07
CA PRO B 208 -5.68 -10.87 28.59
C PRO B 208 -7.15 -11.00 28.18
N VAL B 209 -7.96 -9.96 28.33
CA VAL B 209 -9.37 -10.10 28.05
C VAL B 209 -9.91 -9.04 27.11
N LEU B 210 -10.94 -9.42 26.35
CA LEU B 210 -11.74 -8.47 25.61
C LEU B 210 -12.71 -7.81 26.58
N ARG B 211 -12.95 -6.53 26.38
CA ARG B 211 -13.88 -5.80 27.22
C ARG B 211 -15.22 -5.57 26.52
N VAL B 212 -16.29 -5.83 27.24
CA VAL B 212 -17.63 -5.52 26.75
C VAL B 212 -18.56 -5.20 27.90
N ASN B 213 -19.43 -4.23 27.68
CA ASN B 213 -20.49 -3.92 28.62
C ASN B 213 -21.44 -5.11 28.75
N PRO B 214 -21.53 -5.69 29.95
CA PRO B 214 -22.39 -6.87 30.14
C PRO B 214 -23.85 -6.60 29.76
N ASP B 215 -24.27 -5.35 29.71
CA ASP B 215 -25.63 -5.04 29.29
C ASP B 215 -25.87 -5.37 27.83
N LYS B 216 -24.80 -5.38 27.03
CA LYS B 216 -24.94 -5.69 25.61
C LYS B 216 -24.99 -7.19 25.35
N ILE B 217 -24.57 -8.00 26.31
CA ILE B 217 -24.59 -9.44 26.11
C ILE B 217 -26.01 -9.97 26.16
N ALA B 218 -26.54 -10.36 25.01
CA ALA B 218 -27.93 -10.82 24.90
C ALA B 218 -28.05 -12.34 25.02
N ALA B 219 -26.93 -13.05 24.90
CA ALA B 219 -26.98 -14.51 24.95
C ALA B 219 -25.61 -15.13 25.07
N ILE B 220 -25.53 -16.16 25.91
CA ILE B 220 -24.32 -16.97 26.00
C ILE B 220 -24.68 -18.40 25.65
N VAL B 221 -23.90 -19.01 24.77
CA VAL B 221 -24.17 -20.35 24.32
C VAL B 221 -22.99 -21.23 24.66
N ARG B 222 -23.26 -22.33 25.36
CA ARG B 222 -22.19 -23.24 25.76
C ARG B 222 -21.96 -24.21 24.60
N THR B 223 -20.72 -24.28 24.13
CA THR B 223 -20.40 -25.10 22.97
C THR B 223 -19.28 -26.08 23.23
N ASN B 224 -19.11 -26.99 22.28
CA ASN B 224 -18.07 -27.98 22.32
C ASN B 224 -17.85 -28.48 20.89
N ASP B 225 -16.88 -27.89 20.20
CA ASP B 225 -16.68 -28.14 18.79
C ASP B 225 -15.30 -27.64 18.36
N ARG B 226 -14.70 -28.33 17.39
CA ARG B 226 -13.33 -28.08 17.00
C ARG B 226 -13.14 -26.98 15.97
N ASP B 227 -11.93 -26.42 15.98
CA ASP B 227 -11.48 -25.50 14.95
C ASP B 227 -11.17 -26.24 13.66
N GLU B 228 -10.97 -25.49 12.59
CA GLU B 228 -10.59 -26.07 11.31
C GLU B 228 -9.08 -26.18 11.26
N ASN B 229 -8.58 -27.36 11.58
CA ASN B 229 -7.13 -27.58 11.63
C ASN B 229 -6.44 -28.00 10.34
N ALA B 230 -5.43 -27.18 10.02
CA ALA B 230 -4.44 -27.31 8.95
C ALA B 230 -3.92 -28.71 8.61
N PRO B 231 -3.50 -28.89 7.35
CA PRO B 231 -3.06 -30.17 6.82
C PRO B 231 -1.69 -30.53 7.37
N PHE B 232 -1.50 -31.80 7.70
CA PHE B 232 -0.20 -32.27 8.16
C PHE B 232 0.87 -32.33 7.04
N ALA B 233 0.49 -32.82 5.85
CA ALA B 233 1.40 -32.93 4.70
C ALA B 233 2.65 -32.04 4.70
N ALA B 234 3.79 -32.65 4.34
CA ALA B 234 5.11 -32.03 4.38
C ALA B 234 5.56 -31.40 3.05
N PRO B 235 6.53 -30.47 3.12
CA PRO B 235 7.20 -29.79 2.01
C PRO B 235 7.73 -30.73 0.93
N ASP B 236 7.24 -30.57 -0.31
CA ASP B 236 7.78 -31.32 -1.45
C ASP B 236 9.10 -30.73 -1.93
N GLU B 237 9.68 -31.31 -2.97
CA GLU B 237 11.00 -30.89 -3.44
C GLU B 237 11.03 -29.46 -4.00
N THR B 238 9.93 -29.04 -4.62
CA THR B 238 9.78 -27.68 -5.11
C THR B 238 9.86 -26.68 -3.95
N ALA B 239 9.15 -26.98 -2.86
CA ALA B 239 9.17 -26.10 -1.70
C ALA B 239 10.55 -26.04 -1.03
N LYS B 240 11.25 -27.17 -0.96
CA LYS B 240 12.57 -27.20 -0.32
C LYS B 240 13.56 -26.41 -1.15
N ALA B 241 13.42 -26.47 -2.47
CA ALA B 241 14.30 -25.74 -3.36
C ALA B 241 14.10 -24.23 -3.15
N ILE B 242 12.84 -23.83 -3.07
CA ILE B 242 12.50 -22.43 -2.81
C ILE B 242 13.13 -21.98 -1.49
N ALA B 243 12.90 -22.77 -0.42
CA ALA B 243 13.49 -22.50 0.89
C ALA B 243 15.00 -22.40 0.83
N GLY B 244 15.62 -23.31 0.09
CA GLY B 244 17.07 -23.33 -0.02
C GLY B 244 17.60 -22.04 -0.61
N TYR B 245 16.94 -21.52 -1.65
CA TYR B 245 17.38 -20.28 -2.27
C TYR B 245 17.20 -19.10 -1.32
N LEU B 246 16.10 -19.13 -0.56
CA LEU B 246 15.80 -18.05 0.39
C LEU B 246 16.84 -18.02 1.51
N LEU B 247 17.13 -19.19 2.08
CA LEU B 247 18.08 -19.28 3.19
C LEU B 247 19.49 -18.89 2.74
N ASP B 248 19.88 -19.31 1.53
CA ASP B 248 21.14 -18.85 0.97
C ASP B 248 21.16 -17.34 0.87
N PHE B 249 20.06 -16.78 0.38
CA PHE B 249 19.93 -15.33 0.25
C PHE B 249 20.11 -14.63 1.60
N PHE B 250 19.38 -15.09 2.62
CA PHE B 250 19.53 -14.56 3.98
C PHE B 250 20.98 -14.69 4.43
N GLY B 251 21.59 -15.84 4.16
CA GLY B 251 22.99 -16.05 4.51
C GLY B 251 23.86 -14.96 3.91
N HIS B 252 23.62 -14.66 2.64
CA HIS B 252 24.44 -13.68 1.95
C HIS B 252 24.21 -12.26 2.48
N GLU B 253 22.95 -11.91 2.77
CA GLU B 253 22.64 -10.59 3.31
C GLU B 253 23.35 -10.37 4.65
N VAL B 254 23.37 -11.41 5.47
CA VAL B 254 24.05 -11.35 6.77
C VAL B 254 25.56 -11.16 6.60
N LYS B 255 26.16 -11.89 5.65
CA LYS B 255 27.60 -11.79 5.42
C LYS B 255 28.00 -10.41 4.88
N GLN B 256 27.05 -9.75 4.24
CA GLN B 256 27.29 -8.42 3.68
C GLN B 256 26.85 -7.33 4.63
N ASN B 257 26.48 -7.75 5.85
CA ASN B 257 25.98 -6.85 6.87
C ASN B 257 24.71 -6.09 6.47
N ARG B 258 23.89 -6.69 5.62
CA ARG B 258 22.62 -6.03 5.31
C ARG B 258 21.51 -6.58 6.20
N LEU B 259 21.83 -7.62 6.96
CA LEU B 259 20.93 -8.18 7.95
C LEU B 259 21.72 -8.60 9.16
N PRO B 260 21.14 -8.45 10.36
CA PRO B 260 21.77 -8.96 11.58
C PRO B 260 21.75 -10.48 11.58
N PRO B 261 22.67 -11.11 12.32
CA PRO B 261 22.76 -12.58 12.36
C PRO B 261 21.47 -13.19 12.87
N SER B 262 20.66 -12.38 13.56
CA SER B 262 19.35 -12.84 14.00
C SER B 262 18.24 -12.39 13.04
N LEU B 263 18.61 -12.05 11.81
CA LEU B 263 17.67 -11.54 10.80
C LEU B 263 16.84 -10.38 11.36
N LEU B 264 15.59 -10.29 10.93
CA LEU B 264 14.68 -9.27 11.47
C LEU B 264 13.38 -9.98 11.76
N PRO B 265 12.44 -9.29 12.44
CA PRO B 265 11.16 -9.97 12.72
C PRO B 265 10.58 -10.54 11.42
N LEU B 266 10.16 -11.81 11.49
CA LEU B 266 9.76 -12.57 10.31
C LEU B 266 8.25 -12.66 10.19
N GLN B 267 7.75 -12.40 8.99
CA GLN B 267 6.34 -12.65 8.71
C GLN B 267 6.29 -13.73 7.63
N SER B 268 5.54 -14.79 7.90
CA SER B 268 5.33 -15.84 6.90
C SER B 268 3.89 -16.30 6.87
N GLY B 269 3.47 -16.84 5.72
CA GLY B 269 2.13 -17.37 5.56
C GLY B 269 2.01 -18.83 5.97
N VAL B 270 1.06 -19.53 5.35
CA VAL B 270 0.87 -20.94 5.63
C VAL B 270 1.03 -21.78 4.37
N GLY B 271 1.29 -23.06 4.54
CA GLY B 271 1.30 -23.95 3.40
C GLY B 271 2.66 -24.55 3.11
N ASN B 272 2.68 -25.42 2.11
CA ASN B 272 3.85 -26.13 1.65
C ASN B 272 5.14 -25.28 1.77
N VAL B 273 5.14 -24.13 1.11
CA VAL B 273 6.34 -23.31 0.99
C VAL B 273 6.77 -22.66 2.31
N ALA B 274 5.84 -21.99 2.97
CA ALA B 274 6.10 -21.41 4.28
C ALA B 274 6.66 -22.48 5.22
N ASN B 275 6.10 -23.68 5.18
CA ASN B 275 6.56 -24.75 6.04
C ASN B 275 8.00 -25.09 5.73
N ALA B 276 8.31 -25.14 4.43
CA ALA B 276 9.68 -25.43 4.00
C ALA B 276 10.60 -24.35 4.54
N VAL B 277 10.21 -23.08 4.37
CA VAL B 277 11.04 -21.97 4.85
C VAL B 277 11.30 -22.11 6.35
N LEU B 278 10.23 -22.36 7.10
CA LEU B 278 10.36 -22.45 8.55
C LEU B 278 11.19 -23.64 8.98
N GLU B 279 11.03 -24.76 8.26
CA GLU B 279 11.81 -25.96 8.52
C GLU B 279 13.27 -25.64 8.23
N GLY B 280 13.50 -24.85 7.18
CA GLY B 280 14.84 -24.42 6.84
C GLY B 280 15.44 -23.54 7.91
N LEU B 281 14.65 -22.60 8.42
CA LEU B 281 15.12 -21.71 9.48
C LEU B 281 15.42 -22.46 10.76
N LYS B 282 14.65 -23.52 11.01
CA LYS B 282 14.82 -24.33 12.21
C LYS B 282 16.21 -24.97 12.33
N GLU B 283 16.82 -25.26 11.18
CA GLU B 283 18.13 -25.89 11.15
C GLU B 283 19.21 -24.95 10.61
N GLY B 284 18.83 -23.71 10.30
CA GLY B 284 19.73 -22.76 9.68
C GLY B 284 20.65 -22.12 10.69
N PRO B 285 21.61 -21.31 10.21
CA PRO B 285 22.67 -20.67 11.00
C PRO B 285 22.25 -19.41 11.73
N PHE B 286 20.95 -19.11 11.73
CA PHE B 286 20.47 -17.85 12.32
C PHE B 286 19.86 -18.12 13.68
N GLU B 287 20.32 -17.38 14.67
CA GLU B 287 19.95 -17.59 16.07
C GLU B 287 19.05 -16.47 16.60
N ASN B 288 18.28 -16.77 17.64
CA ASN B 288 17.48 -15.75 18.32
C ASN B 288 16.46 -15.08 17.41
N LEU B 289 15.89 -15.86 16.51
CA LEU B 289 14.90 -15.35 15.58
C LEU B 289 13.65 -14.84 16.29
N VAL B 290 12.94 -13.94 15.63
CA VAL B 290 11.72 -13.37 16.16
C VAL B 290 10.62 -13.42 15.09
N GLY B 291 9.43 -13.82 15.51
CA GLY B 291 8.29 -13.83 14.61
C GLY B 291 7.39 -12.64 14.88
N TYR B 292 7.13 -11.86 13.84
CA TYR B 292 6.08 -10.85 13.92
C TYR B 292 5.20 -10.98 12.69
N SER B 293 4.11 -11.71 12.86
CA SER B 293 3.35 -12.26 11.74
C SER B 293 1.83 -12.17 11.98
N GLU B 294 1.04 -12.83 11.13
CA GLU B 294 -0.39 -12.93 11.31
C GLU B 294 -0.73 -14.19 12.06
N VAL B 295 -0.01 -15.28 11.77
CA VAL B 295 -0.41 -16.60 12.24
C VAL B 295 0.77 -17.36 12.82
N ILE B 296 0.49 -18.20 13.80
CA ILE B 296 1.49 -19.13 14.32
C ILE B 296 1.21 -20.47 13.67
N GLN B 297 2.16 -20.98 12.92
CA GLN B 297 1.98 -22.29 12.27
C GLN B 297 2.95 -23.34 12.85
N ASP B 298 2.84 -24.58 12.38
CA ASP B 298 3.63 -25.68 12.93
C ASP B 298 5.10 -25.36 13.07
N GLY B 299 5.68 -24.84 11.99
CA GLY B 299 7.08 -24.45 11.96
C GLY B 299 7.49 -23.56 13.13
N MET B 300 6.70 -22.52 13.36
CA MET B 300 6.91 -21.63 14.51
C MET B 300 7.05 -22.41 15.80
N LEU B 301 6.05 -23.23 16.13
CA LEU B 301 6.06 -23.94 17.42
C LEU B 301 7.40 -24.66 17.59
N ALA B 302 7.78 -25.40 16.57
CA ALA B 302 9.03 -26.15 16.58
C ALA B 302 10.24 -25.28 16.95
N MET B 303 10.34 -24.11 16.30
CA MET B 303 11.47 -23.21 16.57
C MET B 303 11.43 -22.60 17.97
N LEU B 304 10.23 -22.31 18.45
CA LEU B 304 10.06 -21.80 19.80
C LEU B 304 10.51 -22.91 20.75
N ASP B 305 10.24 -24.14 20.34
CA ASP B 305 10.60 -25.32 21.12
C ASP B 305 12.13 -25.45 21.21
N SER B 306 12.77 -25.51 20.05
CA SER B 306 14.23 -25.61 19.96
C SER B 306 15.00 -24.38 20.44
N GLY B 307 14.31 -23.26 20.61
CA GLY B 307 14.94 -22.04 21.09
C GLY B 307 15.54 -21.20 19.97
N ARG B 308 15.43 -21.70 18.74
CA ARG B 308 15.93 -20.99 17.57
C ARG B 308 15.13 -19.69 17.40
N MET B 309 13.84 -19.78 17.71
CA MET B 309 13.02 -18.60 17.75
C MET B 309 12.65 -18.30 19.18
N ARG B 310 12.86 -17.05 19.56
CA ARG B 310 12.71 -16.62 20.95
C ARG B 310 11.26 -16.25 21.30
N ILE B 311 10.57 -15.58 20.39
CA ILE B 311 9.19 -15.18 20.62
C ILE B 311 8.45 -15.14 19.28
N ALA B 312 7.14 -15.36 19.31
CA ALA B 312 6.35 -15.23 18.09
C ALA B 312 5.10 -14.43 18.35
N SER B 313 4.98 -13.31 17.64
CA SER B 313 3.79 -12.50 17.67
C SER B 313 2.88 -12.84 16.51
N ALA B 314 1.58 -12.90 16.76
CA ALA B 314 0.62 -13.21 15.72
C ALA B 314 -0.77 -12.79 16.18
N SER B 315 -1.75 -12.92 15.32
CA SER B 315 -3.12 -12.69 15.74
C SER B 315 -3.83 -14.03 15.95
N SER B 316 -3.24 -15.11 15.42
CA SER B 316 -3.95 -16.38 15.31
C SER B 316 -3.04 -17.63 15.31
N PHE B 317 -3.64 -18.78 15.62
CA PHE B 317 -2.99 -20.07 15.38
C PHE B 317 -3.44 -20.67 14.07
N SER B 318 -2.56 -21.45 13.44
CA SER B 318 -2.93 -22.25 12.29
C SER B 318 -2.12 -23.54 12.33
N LEU B 319 -2.62 -24.50 13.09
CA LEU B 319 -1.86 -25.71 13.39
C LEU B 319 -2.50 -26.94 12.81
N SER B 320 -1.68 -27.95 12.56
CA SER B 320 -2.16 -29.27 12.21
C SER B 320 -2.62 -29.96 13.51
N PRO B 321 -3.41 -31.03 13.37
CA PRO B 321 -3.82 -31.79 14.55
C PRO B 321 -2.63 -32.17 15.44
N GLU B 322 -1.51 -32.55 14.82
CA GLU B 322 -0.35 -32.98 15.59
C GLU B 322 0.29 -31.85 16.37
N ALA B 323 0.38 -30.68 15.72
CA ALA B 323 0.94 -29.51 16.36
C ALA B 323 0.00 -29.01 17.45
N ALA B 324 -1.31 -29.04 17.19
CA ALA B 324 -2.31 -28.66 18.22
C ALA B 324 -2.16 -29.53 19.46
N GLU B 325 -2.04 -30.83 19.25
CA GLU B 325 -1.83 -31.78 20.34
C GLU B 325 -0.61 -31.40 21.17
N GLU B 326 0.48 -31.11 20.48
CA GLU B 326 1.73 -30.75 21.13
C GLU B 326 1.61 -29.51 22.00
N ILE B 327 0.98 -28.45 21.47
CA ILE B 327 0.86 -27.20 22.22
C ILE B 327 -0.10 -27.32 23.40
N ASN B 328 -1.13 -28.18 23.26
CA ASN B 328 -2.09 -28.37 24.34
C ASN B 328 -1.53 -29.15 25.51
N ASN B 329 -0.52 -29.98 25.24
CA ASN B 329 0.19 -30.70 26.29
C ASN B 329 1.28 -29.88 26.97
N ARG B 330 1.66 -28.77 26.35
CA ARG B 330 2.77 -27.95 26.83
C ARG B 330 2.44 -26.46 26.80
N MET B 331 1.16 -26.16 27.04
CA MET B 331 0.65 -24.80 26.90
C MET B 331 1.40 -23.85 27.82
N ASP B 332 1.74 -24.32 29.02
CA ASP B 332 2.44 -23.48 29.98
C ASP B 332 3.77 -23.01 29.41
N PHE B 333 4.45 -23.90 28.70
CA PHE B 333 5.71 -23.56 28.04
C PHE B 333 5.52 -22.55 26.90
N PHE B 334 4.70 -22.95 25.92
CA PHE B 334 4.48 -22.15 24.73
C PHE B 334 3.85 -20.81 25.00
N ARG B 335 3.02 -20.73 26.05
CA ARG B 335 2.34 -19.49 26.39
C ARG B 335 3.31 -18.36 26.75
N SER B 336 4.46 -18.71 27.30
CA SER B 336 5.48 -17.72 27.65
C SER B 336 6.25 -17.22 26.43
N LYS B 337 5.99 -17.87 25.30
CA LYS B 337 6.78 -17.67 24.08
C LYS B 337 5.96 -17.04 22.96
N ILE B 338 4.64 -17.00 23.16
CA ILE B 338 3.72 -16.57 22.11
C ILE B 338 2.91 -15.37 22.57
N ILE B 339 2.67 -14.43 21.67
CA ILE B 339 1.75 -13.34 21.97
C ILE B 339 0.72 -13.24 20.87
N LEU B 340 -0.56 -13.35 21.23
CA LEU B 340 -1.63 -13.17 20.27
C LEU B 340 -2.23 -11.79 20.39
N ARG B 341 -2.20 -11.05 19.28
CA ARG B 341 -2.63 -9.65 19.27
C ARG B 341 -3.86 -9.43 18.41
N GLN B 342 -4.48 -8.25 18.55
CA GLN B 342 -5.57 -7.85 17.68
C GLN B 342 -5.01 -7.73 16.28
N GLN B 343 -5.79 -8.10 15.27
CA GLN B 343 -5.23 -8.10 13.94
C GLN B 343 -4.88 -6.70 13.46
N ASP B 344 -5.53 -5.68 14.01
CA ASP B 344 -5.19 -4.32 13.60
C ASP B 344 -3.89 -3.83 14.23
N VAL B 345 -3.34 -4.63 15.15
CA VAL B 345 -2.02 -4.37 15.71
C VAL B 345 -0.94 -5.25 15.05
N SER B 346 -1.22 -6.54 14.88
CA SER B 346 -0.23 -7.42 14.27
C SER B 346 -0.01 -7.02 12.82
N ASN B 347 -1.04 -6.43 12.22
CA ASN B 347 -0.97 -6.01 10.83
C ASN B 347 -0.87 -4.50 10.65
N SER B 348 -0.44 -3.80 11.69
CA SER B 348 -0.28 -2.36 11.63
C SER B 348 0.97 -1.97 10.84
N PRO B 349 0.79 -1.22 9.74
CA PRO B 349 1.93 -0.83 8.90
C PRO B 349 2.98 -0.02 9.66
N GLY B 350 2.53 0.83 10.57
CA GLY B 350 3.47 1.64 11.33
C GLY B 350 4.40 0.76 12.14
N ILE B 351 3.83 -0.27 12.74
CA ILE B 351 4.60 -1.17 13.59
C ILE B 351 5.48 -2.08 12.73
N ILE B 352 4.92 -2.60 11.66
CA ILE B 352 5.66 -3.48 10.78
C ILE B 352 6.92 -2.76 10.26
N ARG B 353 6.75 -1.52 9.82
CA ARG B 353 7.88 -0.76 9.27
C ARG B 353 8.92 -0.42 10.33
N ARG B 354 8.44 -0.11 11.52
CA ARG B 354 9.31 0.27 12.63
C ARG B 354 10.19 -0.93 13.03
N LEU B 355 9.56 -2.11 13.14
CA LEU B 355 10.25 -3.33 13.50
C LEU B 355 11.16 -3.82 12.37
N GLY B 356 10.91 -3.32 11.17
CA GLY B 356 11.67 -3.73 10.01
C GLY B 356 11.41 -5.17 9.58
N CYS B 357 10.15 -5.60 9.56
CA CYS B 357 9.84 -6.99 9.26
C CYS B 357 10.31 -7.45 7.90
N ILE B 358 10.64 -8.74 7.82
CA ILE B 358 10.87 -9.40 6.56
C ILE B 358 9.58 -10.13 6.20
N ALA B 359 8.99 -9.74 5.06
CA ALA B 359 7.72 -10.31 4.62
C ALA B 359 7.95 -11.40 3.59
N MET B 360 7.36 -12.56 3.83
CA MET B 360 7.50 -13.69 2.94
C MET B 360 6.12 -14.21 2.58
N ASN B 361 5.71 -14.02 1.33
CA ASN B 361 4.35 -14.36 0.94
C ASN B 361 4.24 -15.18 -0.33
N GLY B 362 3.18 -15.99 -0.41
CA GLY B 362 2.89 -16.74 -1.61
C GLY B 362 2.26 -15.86 -2.66
N MET B 363 2.00 -16.41 -3.83
CA MET B 363 1.34 -15.67 -4.90
C MET B 363 0.70 -16.64 -5.86
N ILE B 364 -0.38 -16.19 -6.51
CA ILE B 364 -0.88 -16.88 -7.69
C ILE B 364 0.17 -16.78 -8.81
N GLU B 365 0.55 -15.56 -9.17
CA GLU B 365 1.42 -15.33 -10.29
C GLU B 365 2.07 -13.95 -10.17
N ALA B 366 3.18 -13.76 -10.89
CA ALA B 366 3.76 -12.45 -11.10
C ALA B 366 3.98 -12.27 -12.60
N ASP B 367 3.89 -11.04 -13.09
CA ASP B 367 4.27 -10.79 -14.48
C ASP B 367 5.78 -10.51 -14.60
N ILE B 368 6.27 -10.37 -15.82
CA ILE B 368 7.71 -10.24 -16.02
C ILE B 368 8.28 -9.00 -15.34
N TYR B 369 7.41 -8.04 -14.97
CA TYR B 369 7.89 -6.80 -14.33
C TYR B 369 7.78 -6.85 -12.81
N GLY B 370 7.31 -7.98 -12.31
CA GLY B 370 7.24 -8.17 -10.86
C GLY B 370 6.02 -7.61 -10.18
N ASN B 371 4.92 -7.47 -10.93
CA ASN B 371 3.62 -7.23 -10.32
C ASN B 371 3.06 -8.55 -9.86
N VAL B 372 2.37 -8.56 -8.73
CA VAL B 372 1.94 -9.79 -8.10
C VAL B 372 0.41 -9.92 -8.01
N ASN B 373 -0.10 -11.06 -8.44
CA ASN B 373 -1.48 -11.44 -8.24
C ASN B 373 -1.53 -12.44 -7.09
N SER B 374 -2.29 -12.12 -6.05
CA SER B 374 -2.43 -12.99 -4.88
C SER B 374 -3.81 -13.61 -4.74
N THR B 375 -4.71 -13.32 -5.68
CA THR B 375 -6.14 -13.53 -5.40
C THR B 375 -7.02 -14.08 -6.52
N ARG B 376 -6.84 -13.57 -7.74
CA ARG B 376 -7.83 -13.77 -8.79
C ARG B 376 -7.31 -14.52 -10.02
N VAL B 377 -7.53 -15.82 -10.04
CA VAL B 377 -7.15 -16.67 -11.17
C VAL B 377 -7.83 -16.20 -12.46
N MET B 378 -7.04 -16.08 -13.53
CA MET B 378 -7.54 -15.54 -14.80
C MET B 378 -8.07 -14.12 -14.62
N GLY B 379 -7.83 -13.55 -13.45
CA GLY B 379 -8.20 -12.17 -13.16
C GLY B 379 -9.62 -12.01 -12.63
N SER B 380 -10.36 -13.10 -12.48
CA SER B 380 -11.79 -12.98 -12.20
C SER B 380 -12.35 -13.98 -11.20
N LYS B 381 -11.60 -15.03 -10.90
CA LYS B 381 -12.10 -16.05 -10.00
C LYS B 381 -11.34 -16.00 -8.68
N MET B 382 -12.04 -15.61 -7.63
CA MET B 382 -11.41 -15.44 -6.33
C MET B 382 -10.89 -16.75 -5.78
N MET B 383 -9.67 -16.72 -5.26
CA MET B 383 -9.13 -17.85 -4.52
C MET B 383 -9.45 -17.65 -3.03
N ASN B 384 -8.54 -17.05 -2.28
CA ASN B 384 -8.81 -16.76 -0.87
C ASN B 384 -9.09 -15.28 -0.59
N GLY B 385 -8.07 -14.45 -0.79
CA GLY B 385 -8.19 -13.03 -0.57
C GLY B 385 -6.81 -12.43 -0.39
N ILE B 386 -6.70 -11.11 -0.40
CA ILE B 386 -5.39 -10.47 -0.28
C ILE B 386 -4.84 -10.67 1.13
N GLY B 387 -5.75 -10.71 2.11
CA GLY B 387 -5.38 -10.95 3.49
C GLY B 387 -4.47 -9.86 4.03
N GLY B 388 -3.40 -10.27 4.72
CA GLY B 388 -2.45 -9.31 5.25
C GLY B 388 -1.24 -9.10 4.36
N SER B 389 -1.25 -9.69 3.17
CA SER B 389 -0.07 -9.66 2.30
C SER B 389 0.30 -8.23 1.90
N GLY B 390 -0.71 -7.38 1.69
CA GLY B 390 -0.44 -5.99 1.39
C GLY B 390 0.09 -5.24 2.59
N ASP B 391 -0.58 -5.40 3.74
CA ASP B 391 -0.12 -4.80 4.99
C ASP B 391 1.37 -5.04 5.18
N PHE B 392 1.79 -6.29 5.01
CA PHE B 392 3.19 -6.65 5.25
C PHE B 392 4.14 -6.31 4.11
N ALA B 393 3.76 -6.63 2.87
CA ALA B 393 4.62 -6.38 1.71
C ALA B 393 5.06 -4.92 1.63
N ARG B 394 4.11 -3.99 1.72
CA ARG B 394 4.45 -2.58 1.52
C ARG B 394 5.24 -1.99 2.68
N SER B 395 5.00 -2.48 3.89
CA SER B 395 5.59 -1.87 5.09
C SER B 395 6.92 -2.51 5.51
N SER B 396 7.18 -3.69 4.96
CA SER B 396 8.32 -4.50 5.34
C SER B 396 9.66 -3.87 4.97
N TYR B 397 10.71 -4.31 5.66
CA TYR B 397 12.09 -3.97 5.30
C TYR B 397 12.44 -4.63 3.97
N LEU B 398 11.97 -5.87 3.81
CA LEU B 398 12.20 -6.65 2.60
C LEU B 398 10.93 -7.40 2.25
N SER B 399 10.44 -7.20 1.04
CA SER B 399 9.23 -7.86 0.58
C SER B 399 9.61 -9.02 -0.34
N ILE B 400 9.28 -10.24 0.10
CA ILE B 400 9.65 -11.43 -0.64
C ILE B 400 8.41 -12.23 -1.06
N PHE B 401 8.39 -12.67 -2.31
CA PHE B 401 7.32 -13.53 -2.80
C PHE B 401 7.85 -14.88 -3.27
N LEU B 402 7.21 -15.95 -2.81
CA LEU B 402 7.68 -17.30 -3.06
C LEU B 402 6.58 -18.16 -3.68
N SER B 403 6.95 -18.94 -4.69
CA SER B 403 5.99 -19.72 -5.45
C SER B 403 6.68 -20.78 -6.30
N PRO B 404 6.01 -21.92 -6.51
CA PRO B 404 6.44 -22.83 -7.58
C PRO B 404 6.36 -22.04 -8.88
N SER B 405 7.22 -22.34 -9.86
CA SER B 405 7.27 -21.53 -11.08
C SER B 405 6.11 -21.87 -12.04
N THR B 406 5.49 -23.00 -11.80
CA THR B 406 4.33 -23.43 -12.57
C THR B 406 3.22 -23.84 -11.60
N ALA B 407 2.00 -23.92 -12.12
CA ALA B 407 0.85 -24.43 -11.35
C ALA B 407 0.13 -25.43 -12.23
N LYS B 408 -0.80 -26.17 -11.62
CA LYS B 408 -1.67 -27.09 -12.35
C LYS B 408 -0.84 -28.12 -13.15
N GLY B 409 0.10 -28.76 -12.48
CA GLY B 409 0.94 -29.77 -13.12
C GLY B 409 1.67 -29.26 -14.35
N GLY B 410 2.08 -27.99 -14.32
CA GLY B 410 2.83 -27.43 -15.42
C GLY B 410 2.01 -26.78 -16.52
N LYS B 411 0.69 -26.88 -16.43
CA LYS B 411 -0.18 -26.32 -17.47
C LYS B 411 -0.36 -24.79 -17.29
N ILE B 412 0.08 -24.28 -16.16
CA ILE B 412 0.09 -22.85 -15.94
C ILE B 412 1.47 -22.39 -15.49
N SER B 413 1.92 -21.29 -16.07
CA SER B 413 3.16 -20.64 -15.64
C SER B 413 2.86 -19.58 -14.56
N ALA B 414 3.65 -19.56 -13.49
CA ALA B 414 3.45 -18.57 -12.44
C ALA B 414 4.07 -17.24 -12.83
N ILE B 415 4.89 -17.25 -13.87
CA ILE B 415 5.42 -16.00 -14.43
C ILE B 415 4.76 -15.78 -15.78
N VAL B 416 4.08 -14.64 -15.92
CA VAL B 416 3.27 -14.38 -17.10
C VAL B 416 3.64 -13.02 -17.72
N PRO B 417 3.26 -12.80 -18.99
CA PRO B 417 3.58 -11.50 -19.61
C PRO B 417 2.97 -10.36 -18.82
N MET B 418 1.73 -10.53 -18.42
CA MET B 418 1.02 -9.53 -17.64
C MET B 418 0.14 -10.28 -16.64
N ALA B 419 0.14 -9.83 -15.39
CA ALA B 419 -0.70 -10.46 -14.38
C ALA B 419 -2.14 -10.14 -14.69
N ALA B 420 -3.02 -11.12 -14.56
CA ALA B 420 -4.43 -10.93 -14.94
C ALA B 420 -5.18 -10.02 -13.96
N HIS B 421 -4.69 -9.97 -12.72
CA HIS B 421 -5.16 -9.04 -11.70
C HIS B 421 -3.95 -8.67 -10.84
N VAL B 422 -3.89 -7.43 -10.34
CA VAL B 422 -2.74 -7.02 -9.52
C VAL B 422 -3.10 -6.78 -8.05
N ASP B 423 -2.33 -7.38 -7.16
CA ASP B 423 -2.50 -7.17 -5.73
C ASP B 423 -1.34 -6.33 -5.20
N HIS B 424 -0.13 -6.66 -5.63
CA HIS B 424 1.06 -5.95 -5.18
C HIS B 424 1.85 -5.43 -6.35
N ILE B 425 2.00 -4.11 -6.40
CA ILE B 425 2.66 -3.45 -7.51
C ILE B 425 4.17 -3.67 -7.42
N MET B 426 4.89 -3.39 -8.50
CA MET B 426 6.34 -3.59 -8.52
C MET B 426 7.01 -3.04 -7.28
N GLN B 427 6.58 -1.84 -6.88
CA GLN B 427 7.20 -1.13 -5.75
C GLN B 427 7.11 -1.95 -4.45
N ASP B 428 6.17 -2.88 -4.38
CA ASP B 428 5.94 -3.65 -3.16
C ASP B 428 6.54 -5.06 -3.21
N ALA B 429 7.41 -5.31 -4.19
CA ALA B 429 8.01 -6.63 -4.33
C ALA B 429 9.48 -6.51 -4.74
N GLN B 430 10.39 -6.92 -3.85
CA GLN B 430 11.82 -6.83 -4.13
C GLN B 430 12.49 -8.16 -4.45
N ILE B 431 11.98 -9.24 -3.87
CA ILE B 431 12.59 -10.54 -4.08
C ILE B 431 11.55 -11.57 -4.52
N PHE B 432 11.88 -12.32 -5.58
CA PHE B 432 11.06 -13.45 -6.00
C PHE B 432 11.87 -14.73 -5.94
N VAL B 433 11.24 -15.79 -5.43
CA VAL B 433 11.92 -17.07 -5.35
C VAL B 433 11.03 -18.15 -5.93
N THR B 434 11.55 -18.91 -6.90
CA THR B 434 10.87 -20.15 -7.30
C THR B 434 11.86 -21.29 -7.20
N GLU B 435 11.43 -22.50 -7.53
CA GLU B 435 12.32 -23.65 -7.45
C GLU B 435 13.41 -23.54 -8.55
N GLN B 436 13.26 -22.54 -9.42
CA GLN B 436 14.25 -22.28 -10.47
C GLN B 436 15.37 -21.36 -9.98
N GLY B 437 15.12 -20.60 -8.93
CA GLY B 437 16.11 -19.65 -8.48
C GLY B 437 15.50 -18.38 -7.94
N LEU B 438 16.35 -17.43 -7.59
CA LEU B 438 15.92 -16.23 -6.89
C LEU B 438 16.21 -14.97 -7.71
N ALA B 439 15.26 -14.06 -7.77
CA ALA B 439 15.46 -12.79 -8.45
C ALA B 439 15.54 -11.65 -7.45
N ASP B 440 16.67 -10.95 -7.42
CA ASP B 440 16.85 -9.78 -6.55
C ASP B 440 16.63 -8.51 -7.38
N LEU B 441 15.52 -7.83 -7.12
CA LEU B 441 15.11 -6.73 -7.98
C LEU B 441 15.44 -5.33 -7.45
N ARG B 442 16.09 -5.28 -6.29
CA ARG B 442 16.38 -4.01 -5.62
C ARG B 442 17.14 -3.03 -6.51
N GLY B 443 16.59 -1.83 -6.70
CA GLY B 443 17.25 -0.79 -7.47
C GLY B 443 17.07 -0.90 -8.99
N LEU B 444 16.29 -1.89 -9.46
CA LEU B 444 16.15 -2.15 -10.89
C LEU B 444 14.94 -1.48 -11.54
N SER B 445 15.12 -1.05 -12.78
CA SER B 445 14.00 -0.60 -13.62
C SER B 445 13.16 -1.80 -14.07
N PRO B 446 11.95 -1.53 -14.56
CA PRO B 446 11.09 -2.64 -15.00
C PRO B 446 11.79 -3.56 -16.00
N VAL B 447 12.40 -2.98 -17.03
CA VAL B 447 13.09 -3.80 -18.02
C VAL B 447 14.16 -4.66 -17.35
N GLN B 448 14.85 -4.09 -16.36
CA GLN B 448 15.87 -4.82 -15.61
C GLN B 448 15.28 -5.89 -14.68
N ARG B 449 14.12 -5.59 -14.08
CA ARG B 449 13.36 -6.58 -13.29
C ARG B 449 12.98 -7.77 -14.15
N ALA B 450 12.49 -7.49 -15.37
CA ALA B 450 12.09 -8.52 -16.32
C ALA B 450 13.23 -9.45 -16.64
N ARG B 451 14.42 -8.89 -16.88
CA ARG B 451 15.58 -9.72 -17.15
C ARG B 451 15.84 -10.69 -16.00
N GLU B 452 15.81 -10.18 -14.77
CA GLU B 452 16.05 -11.03 -13.60
C GLU B 452 14.99 -12.10 -13.41
N ILE B 453 13.72 -11.72 -13.55
CA ILE B 453 12.63 -12.63 -13.24
C ILE B 453 12.58 -13.74 -14.27
N ILE B 454 12.76 -13.36 -15.52
CA ILE B 454 12.70 -14.33 -16.61
C ILE B 454 13.82 -15.36 -16.47
N SER B 455 15.04 -14.90 -16.27
CA SER B 455 16.19 -15.79 -16.25
C SER B 455 16.34 -16.58 -14.95
N LYS B 456 15.92 -16.00 -13.83
CA LYS B 456 16.12 -16.64 -12.54
C LYS B 456 14.93 -17.46 -12.09
N CYS B 457 13.72 -16.98 -12.37
CA CYS B 457 12.54 -17.56 -11.73
C CYS B 457 11.67 -18.43 -12.62
N ALA B 458 11.61 -18.11 -13.90
CA ALA B 458 10.67 -18.79 -14.78
C ALA B 458 11.06 -20.24 -15.05
N HIS B 459 10.07 -21.09 -15.29
CA HIS B 459 10.30 -22.48 -15.63
C HIS B 459 10.82 -22.58 -17.05
N PRO B 460 11.78 -23.49 -17.29
CA PRO B 460 12.40 -23.67 -18.62
C PRO B 460 11.35 -23.88 -19.72
N ASP B 461 10.21 -24.49 -19.40
CA ASP B 461 9.13 -24.65 -20.37
C ASP B 461 8.56 -23.33 -20.85
N TYR B 462 8.63 -22.29 -20.00
CA TYR B 462 7.98 -21.03 -20.32
C TYR B 462 8.95 -19.88 -20.58
N ARG B 463 10.18 -20.01 -20.11
CA ARG B 463 11.17 -18.93 -20.25
C ARG B 463 11.37 -18.41 -21.69
N PRO B 464 11.59 -19.31 -22.67
CA PRO B 464 11.72 -18.83 -24.05
C PRO B 464 10.50 -18.04 -24.52
N MET B 465 9.30 -18.48 -24.12
CA MET B 465 8.08 -17.76 -24.51
C MET B 465 8.04 -16.37 -23.87
N LEU B 466 8.44 -16.29 -22.61
CA LEU B 466 8.47 -15.03 -21.89
C LEU B 466 9.52 -14.09 -22.49
N GLN B 467 10.69 -14.64 -22.83
CA GLN B 467 11.75 -13.83 -23.45
C GLN B 467 11.30 -13.32 -24.80
N ASP B 468 10.63 -14.20 -25.55
CA ASP B 468 10.11 -13.81 -26.85
C ASP B 468 9.09 -12.68 -26.73
N TYR B 469 8.19 -12.78 -25.76
CA TYR B 469 7.22 -11.71 -25.55
C TYR B 469 7.91 -10.42 -25.17
N PHE B 470 8.86 -10.52 -24.26
CA PHE B 470 9.60 -9.34 -23.83
C PHE B 470 10.39 -8.67 -24.97
N ASP B 471 11.07 -9.48 -25.78
CA ASP B 471 11.88 -8.96 -26.88
C ASP B 471 11.03 -8.22 -27.92
N ARG B 472 9.91 -8.84 -28.30
CA ARG B 472 9.04 -8.24 -29.31
C ARG B 472 8.34 -7.01 -28.73
N ALA B 473 8.06 -7.04 -27.43
CA ALA B 473 7.46 -5.88 -26.76
C ALA B 473 8.42 -4.71 -26.77
N LEU B 474 9.69 -4.98 -26.47
CA LEU B 474 10.71 -3.95 -26.52
C LEU B 474 10.79 -3.30 -27.88
N LYS B 475 10.56 -4.07 -28.94
CA LYS B 475 10.63 -3.54 -30.30
C LYS B 475 9.37 -2.78 -30.69
N ASN B 476 8.23 -3.19 -30.16
CA ASN B 476 6.95 -2.68 -30.66
C ASN B 476 6.04 -1.95 -29.68
N SER B 477 6.35 -2.00 -28.39
CA SER B 477 5.44 -1.42 -27.38
C SER B 477 5.22 0.08 -27.61
N PHE B 478 4.05 0.58 -27.20
CA PHE B 478 3.73 2.00 -27.31
C PHE B 478 4.81 2.86 -26.62
N GLY B 479 5.24 2.44 -25.44
CA GLY B 479 6.36 3.06 -24.76
C GLY B 479 7.38 1.98 -24.41
N LYS B 480 8.62 2.37 -24.16
CA LYS B 480 9.66 1.38 -23.86
C LYS B 480 10.01 1.31 -22.37
N HIS B 481 9.31 2.08 -21.54
CA HIS B 481 9.62 2.03 -20.12
C HIS B 481 9.14 0.73 -19.48
N THR B 482 7.93 0.32 -19.83
CA THR B 482 7.38 -0.96 -19.37
C THR B 482 6.75 -1.67 -20.56
N PRO B 483 7.60 -2.20 -21.45
CA PRO B 483 7.17 -2.77 -22.74
C PRO B 483 6.02 -3.78 -22.62
N HIS B 484 4.95 -3.55 -23.35
CA HIS B 484 3.88 -4.54 -23.47
C HIS B 484 3.35 -4.67 -24.89
N LEU B 485 2.86 -5.86 -25.22
CA LEU B 485 2.10 -6.07 -26.45
C LEU B 485 0.66 -6.31 -26.04
N LEU B 486 -0.17 -5.27 -26.12
CA LEU B 486 -1.52 -5.34 -25.56
C LEU B 486 -2.36 -6.41 -26.23
N THR B 487 -2.04 -6.70 -27.49
CA THR B 487 -2.76 -7.72 -28.25
C THR B 487 -2.53 -9.13 -27.69
N GLU B 488 -1.42 -9.35 -27.00
CA GLU B 488 -1.17 -10.69 -26.47
C GLU B 488 -0.83 -10.76 -24.99
N ALA B 489 -0.82 -9.62 -24.32
CA ALA B 489 -0.49 -9.56 -22.89
C ALA B 489 -1.30 -10.54 -22.02
N LEU B 490 -2.59 -10.70 -22.32
CA LEU B 490 -3.45 -11.57 -21.52
C LEU B 490 -3.77 -12.88 -22.22
N SER B 491 -3.03 -13.19 -23.28
CA SER B 491 -3.36 -14.31 -24.17
C SER B 491 -3.02 -15.68 -23.58
N TRP B 492 -2.02 -15.74 -22.71
CA TRP B 492 -1.67 -17.01 -22.06
C TRP B 492 -2.83 -17.43 -21.16
N HIS B 493 -3.41 -16.44 -20.49
CA HIS B 493 -4.55 -16.69 -19.63
C HIS B 493 -5.75 -17.14 -20.49
N GLN B 494 -6.03 -16.42 -21.57
CA GLN B 494 -7.13 -16.82 -22.44
C GLN B 494 -6.85 -18.18 -23.06
N ARG B 495 -5.58 -18.45 -23.38
CA ARG B 495 -5.22 -19.77 -23.88
C ARG B 495 -5.54 -20.86 -22.85
N PHE B 496 -5.24 -20.60 -21.58
CA PHE B 496 -5.59 -21.57 -20.55
C PHE B 496 -7.09 -21.80 -20.46
N ILE B 497 -7.86 -20.70 -20.51
CA ILE B 497 -9.31 -20.79 -20.53
C ILE B 497 -9.78 -21.64 -21.71
N ASP B 498 -9.23 -21.37 -22.90
CA ASP B 498 -9.67 -22.04 -24.12
C ASP B 498 -9.22 -23.50 -24.23
N THR B 499 -8.05 -23.84 -23.65
CA THR B 499 -7.45 -25.14 -23.93
C THR B 499 -6.99 -25.93 -22.71
N GLY B 500 -7.07 -25.33 -21.53
CA GLY B 500 -6.64 -26.00 -20.30
C GLY B 500 -5.13 -25.99 -20.08
N THR B 501 -4.39 -25.31 -20.94
CA THR B 501 -2.96 -25.17 -20.72
C THR B 501 -2.42 -23.89 -21.36
N MET B 502 -1.34 -23.37 -20.79
CA MET B 502 -0.70 -22.17 -21.31
C MET B 502 0.39 -22.52 -22.34
N LEU B 503 0.68 -23.81 -22.47
CA LEU B 503 1.66 -24.27 -23.44
C LEU B 503 1.03 -24.25 -24.83
N PRO B 504 1.75 -23.65 -25.80
CA PRO B 504 1.21 -23.60 -27.15
C PRO B 504 1.09 -24.99 -27.76
N SER B 505 0.24 -25.10 -28.77
CA SER B 505 0.19 -26.29 -29.61
C SER B 505 1.18 -26.12 -30.76
CL CL C . 5.71 5.75 13.93
CL CL D . 14.38 -0.14 -4.99
N1A COA E . -4.82 8.48 -21.04
C2A COA E . -3.77 9.07 -21.60
N3A COA E . -3.25 10.21 -21.13
C4A COA E . -3.80 10.79 -20.03
C5A COA E . -4.90 10.20 -19.41
C6A COA E . -5.40 9.02 -19.96
N6A COA E . -6.54 8.37 -19.33
N7A COA E . -5.23 10.97 -18.37
C8A COA E . -4.40 12.01 -18.32
N9A COA E . -3.52 11.91 -19.32
C1B COA E . -2.43 12.78 -19.61
C2B COA E . -2.88 14.07 -20.24
O2B COA E . -2.82 13.93 -21.61
C3B COA E . -1.89 15.00 -19.87
O3B COA E . -0.95 15.00 -20.93
P3B COA E . 0.38 15.93 -21.03
O7A COA E . 1.13 16.02 -19.72
O8A COA E . 1.31 15.33 -22.09
O9A COA E . -0.04 17.33 -21.45
C4B COA E . -1.33 14.48 -18.62
O4B COA E . -1.75 13.14 -18.44
C5B COA E . -1.81 15.30 -17.49
O5B COA E . -3.05 14.92 -16.88
P1A COA E . -4.21 16.00 -16.58
O1A COA E . -5.47 15.64 -17.33
O2A COA E . -3.73 17.38 -16.99
O3A COA E . -4.58 16.03 -15.03
P2A COA E . -3.56 15.81 -13.85
O4A COA E . -2.67 17.03 -13.64
O5A COA E . -4.38 15.55 -12.61
O6A COA E . -2.60 14.61 -14.19
CBP COA E . -1.59 12.50 -13.43
CCP COA E . -2.86 13.33 -13.78
CDP COA E . -2.01 11.04 -13.18
CEP COA E . -0.62 12.62 -14.56
CAP COA E . -0.90 13.07 -12.19
OAP COA E . -1.81 13.25 -11.16
C9P COA E . 0.23 12.21 -11.65
O9P COA E . 1.37 12.27 -12.14
N8P COA E . 0.00 11.47 -10.43
C7P COA E . 1.10 10.79 -9.76
C6P COA E . 1.73 11.55 -8.60
C5P COA E . 0.79 11.78 -7.42
O5P COA E . -0.40 11.55 -7.52
N4P COA E . 1.34 12.30 -6.18
C3P COA E . 0.44 12.69 -5.08
C2P COA E . 0.27 14.19 -4.76
S1P COA E . 0.97 15.41 -5.88
CL CL F . 1.88 3.45 16.01
CL CL G . -14.46 -0.75 2.34
N1A COA H . -3.05 -20.36 -11.43
C2A COA H . -4.10 -21.05 -10.97
N3A COA H . -4.10 -21.59 -9.74
C4A COA H . -3.04 -21.45 -8.92
C5A COA H . -1.93 -20.73 -9.36
C6A COA H . -1.96 -20.19 -10.65
N6A COA H . -0.83 -19.42 -11.13
N7A COA H . -1.02 -20.75 -8.36
C8A COA H . -1.52 -21.44 -7.34
N9A COA H . -2.75 -21.87 -7.66
C1B COA H . -3.62 -22.60 -6.82
C2B COA H . -3.29 -24.06 -6.80
O2B COA H . -3.92 -24.71 -7.85
C3B COA H . -3.84 -24.48 -5.57
O3B COA H . -5.24 -24.70 -5.72
P3B COA H . -5.94 -26.09 -5.34
O7A COA H . -5.77 -26.37 -3.86
O8A COA H . -7.43 -25.96 -5.66
O9A COA H . -5.32 -27.22 -6.15
C4B COA H . -3.73 -23.33 -4.68
O4B COA H . -3.49 -22.20 -5.50
C5B COA H . -2.61 -23.57 -3.75
O5B COA H . -1.40 -22.86 -4.00
P1A COA H . 0.03 -23.44 -3.57
O1A COA H . 0.84 -23.83 -4.80
O2A COA H . -0.17 -24.63 -2.65
O3A COA H . 0.84 -22.29 -2.85
P2A COA H . 0.27 -21.56 -1.56
O4A COA H . -0.19 -22.60 -0.55
O5A COA H . 1.41 -20.75 -1.02
O6A COA H . -0.96 -20.65 -1.93
CBP COA H . -1.92 -18.41 -2.40
CCP COA H . -0.85 -19.52 -2.71
CDP COA H . -1.61 -17.12 -3.21
CEP COA H . -3.28 -18.96 -2.79
CAP COA H . -1.90 -18.06 -0.90
OAP COA H . -0.60 -17.70 -0.49
C9P COA H . -2.86 -16.95 -0.48
O9P COA H . -4.08 -17.13 -0.53
N8P COA H . -2.35 -15.65 -0.08
C7P COA H . -3.30 -14.62 0.30
C6P COA H . -3.17 -13.94 1.66
C5P COA H . -1.75 -13.88 2.21
O5P COA H . -0.81 -13.98 1.45
N4P COA H . -1.57 -13.46 3.60
C3P COA H . -0.30 -13.71 4.31
C2P COA H . -0.32 -14.73 5.46
S1P COA H . -1.25 -16.27 5.32
#